data_3Q75
#
_entry.id   3Q75
#
_cell.length_a   141.915
_cell.length_b   141.915
_cell.length_c   130.226
_cell.angle_alpha   90.00
_cell.angle_beta   90.00
_cell.angle_gamma   90.00
#
_symmetry.space_group_name_H-M   'P 43 21 2'
#
loop_
_entity.id
_entity.type
_entity.pdbx_description
1 polymer 'Farnesyltransferase alpha subunit'
2 polymer 'Farnesyltransferase beta subunit'
3 polymer 'Hexapeptide TKCVVM'
4 non-polymer 'ZINC ION'
5 non-polymer '[(3,7,11-TRIMETHYL-DODECA-2,6,10-TRIENYLOXYCARBAMOYL)-METHYL]-PHOSPHONIC ACID'
6 non-polymer '(2S)-3-(cyclohexylamino)-2-hydroxypropane-1-sulfonic acid'
7 water water
#
loop_
_entity_poly.entity_id
_entity_poly.type
_entity_poly.pdbx_seq_one_letter_code
_entity_poly.pdbx_strand_id
1 'polypeptide(L)'
;MGSSHHHHHHSQDLMVTSTYIPMSQRRSWADVKPIMQDDGPNPVVPIMYSEEYKDAMDYFRAIAAKEEKSERALELTEII
VRMNPAHYTVWQYRFSLLTSLNKSLEDELRLMNEFAVQNLKSYQVWHHRLLLLDRISPQDPVSEIEYIHGSLLPDPKNYH
TWAYLHWLYSHFSTLGRISEAQWGSELDWCNEMLRVDGRNNSAWGWRWYLRVSRPGAETSSRSLQDELIYILKSIHLIPH
NVSAWNYLRGFLKHFSLPLVPILPAILPYTASKLNPDIETVEAFGFPMPSDPLPEDTPLPVPLALEYLADSFIEQNRVDD
AAKVFEKLSSEYDQMRAGYWEFRRRECAE
;
A
2 'polypeptide(L)'
;MATEFTPSVYSLVSKPLPSNSRPSATLDEQAETEDLISQLFDLTADPNALVSEHGKRYSGLRKQEHTQFLASSFFQLPGK
FVSLDASRPWLVFWTVHSLDLLGVALDQGTKDRVVSTLLHFLSPKGGFGGGPANSQIPHLLPTYASVCSLAIAGNDSSTG
GWKDLAAARQSIYEFFMRCKRPDGGFVVCEGGEVDVRGTYCLLVVATLLDIITPELLHNVDKFVSACQTYEGGFACASFP
FPSVVPSTSAFPTSEPSCRVSMAEAHGGYTSCSLNSHFLLTSVPLPSFPLSIDANAALRWTVLQQGEPIEGGGFRGRTNK
LVDGCYSWWVGGGAPVAEELVRREKSRKVKKSRIEVFEEEKEGDWEDVPPIPPIFNRVALQEFTLVAAQQDPGSTGGLRD
KPGKRPDQYHTCNNLSGLSIAQHKMSHSPSTVSSNRLKFDASKGLPAVKPVAPGGGWKNEDERQNARREIWANALGWIEE
EGGEIIVGGKDNRINTTTPVFNILGLRLKPFINYFYCQEN
;
B
3 'polypeptide(L)' TKCVVM G
#
loop_
_chem_comp.id
_chem_comp.type
_chem_comp.name
_chem_comp.formula
3CX non-polymer '(2S)-3-(cyclohexylamino)-2-hydroxypropane-1-sulfonic acid' 'C9 H19 N O4 S'
FII non-polymer '[(3,7,11-TRIMETHYL-DODECA-2,6,10-TRIENYLOXYCARBAMOYL)-METHYL]-PHOSPHONIC ACID' 'C17 H30 N O5 P'
ZN non-polymer 'ZINC ION' 'Zn 2'
#
# COMPACT_ATOMS: atom_id res chain seq x y z
N THR A 19 11.66 -3.12 40.76
CA THR A 19 12.26 -4.49 40.65
C THR A 19 11.21 -5.47 40.13
N TYR A 20 11.54 -6.11 39.00
CA TYR A 20 10.62 -7.06 38.37
C TYR A 20 10.59 -8.39 39.12
N ILE A 21 9.38 -8.85 39.43
CA ILE A 21 9.19 -10.18 39.99
C ILE A 21 8.80 -11.14 38.85
N PRO A 22 9.65 -12.14 38.57
CA PRO A 22 9.38 -13.13 37.54
C PRO A 22 8.08 -13.89 37.81
N MET A 23 7.40 -14.30 36.74
CA MET A 23 6.14 -15.01 36.84
C MET A 23 6.29 -16.40 37.46
N SER A 24 7.51 -16.95 37.42
CA SER A 24 7.83 -18.23 38.06
C SER A 24 7.85 -18.13 39.58
N GLN A 25 7.80 -16.92 40.10
CA GLN A 25 7.80 -16.67 41.54
C GLN A 25 6.44 -16.16 42.04
N ARG A 26 5.52 -15.94 41.11
CA ARG A 26 4.17 -15.49 41.44
C ARG A 26 3.26 -16.69 41.71
N ARG A 27 2.57 -16.64 42.85
CA ARG A 27 1.73 -17.76 43.32
C ARG A 27 0.57 -18.07 42.38
N SER A 28 0.07 -17.05 41.69
CA SER A 28 -1.05 -17.18 40.76
C SER A 28 -0.70 -17.92 39.48
N TRP A 29 0.58 -18.17 39.27
CA TRP A 29 1.07 -18.81 38.03
C TRP A 29 1.88 -20.07 38.29
N ALA A 30 1.88 -20.52 39.55
CA ALA A 30 2.68 -21.67 40.00
C ALA A 30 2.41 -22.95 39.19
N ASP A 31 1.15 -23.18 38.84
CA ASP A 31 0.74 -24.37 38.09
C ASP A 31 1.17 -24.36 36.61
N VAL A 32 1.61 -23.20 36.13
CA VAL A 32 1.94 -23.02 34.71
C VAL A 32 3.43 -23.22 34.42
N LYS A 33 3.71 -24.12 33.49
CA LYS A 33 5.08 -24.32 33.01
C LYS A 33 5.28 -23.51 31.72
N PRO A 34 6.13 -22.48 31.78
CA PRO A 34 6.37 -21.61 30.62
C PRO A 34 6.98 -22.37 29.44
N ILE A 35 6.61 -21.98 28.22
CA ILE A 35 7.17 -22.58 27.01
C ILE A 35 8.04 -21.55 26.30
N MET A 36 9.26 -21.93 25.97
CA MET A 36 10.23 -21.04 25.32
C MET A 36 9.88 -20.81 23.85
N GLN A 37 10.37 -19.70 23.31
CA GLN A 37 10.20 -19.39 21.89
C GLN A 37 10.98 -20.38 21.03
N ASP A 38 10.32 -20.93 20.02
CA ASP A 38 10.92 -21.95 19.16
C ASP A 38 11.47 -21.36 17.87
N ASP A 39 12.59 -20.64 17.99
CA ASP A 39 13.28 -20.01 16.86
C ASP A 39 14.07 -21.01 16.04
N GLY A 40 14.48 -22.09 16.68
CA GLY A 40 15.41 -23.04 16.10
C GLY A 40 16.84 -22.58 16.34
N PRO A 41 17.82 -23.26 15.70
CA PRO A 41 19.22 -22.90 15.93
C PRO A 41 19.61 -21.61 15.21
N ASN A 42 20.27 -20.71 15.94
CA ASN A 42 20.88 -19.50 15.40
C ASN A 42 19.98 -18.68 14.45
N PRO A 43 18.87 -18.12 14.98
CA PRO A 43 17.90 -17.43 14.11
C PRO A 43 18.41 -16.09 13.58
N VAL A 44 17.98 -15.74 12.38
CA VAL A 44 18.22 -14.40 11.84
C VAL A 44 17.20 -13.41 12.40
N VAL A 45 17.49 -12.12 12.27
CA VAL A 45 16.75 -11.01 12.90
C VAL A 45 16.21 -11.27 14.31
N PRO A 46 17.06 -11.77 15.23
CA PRO A 46 16.54 -11.91 16.58
C PRO A 46 16.45 -10.56 17.28
N ILE A 47 15.40 -10.39 18.09
CA ILE A 47 15.21 -9.17 18.86
C ILE A 47 15.63 -9.46 20.31
N MET A 48 16.44 -8.58 20.87
CA MET A 48 16.87 -8.72 22.25
C MET A 48 15.76 -8.24 23.18
N TYR A 49 14.87 -9.15 23.54
CA TYR A 49 13.70 -8.83 24.34
C TYR A 49 14.07 -8.43 25.77
N SER A 50 13.25 -7.56 26.35
CA SER A 50 13.34 -7.25 27.78
C SER A 50 12.94 -8.49 28.59
N GLU A 51 13.39 -8.54 29.84
CA GLU A 51 13.03 -9.62 30.75
C GLU A 51 11.51 -9.74 30.86
N GLU A 52 10.85 -8.59 30.95
CA GLU A 52 9.40 -8.51 31.08
C GLU A 52 8.65 -9.12 29.90
N TYR A 53 9.12 -8.82 28.68
CA TYR A 53 8.46 -9.28 27.47
C TYR A 53 8.68 -10.76 27.21
N LYS A 54 9.92 -11.22 27.37
CA LYS A 54 10.24 -12.66 27.26
C LYS A 54 9.42 -13.49 28.24
N ASP A 55 9.37 -13.05 29.49
CA ASP A 55 8.65 -13.76 30.54
C ASP A 55 7.16 -13.85 30.24
N ALA A 56 6.59 -12.71 29.83
CA ALA A 56 5.16 -12.64 29.49
C ALA A 56 4.81 -13.55 28.32
N MET A 57 5.67 -13.58 27.30
CA MET A 57 5.47 -14.42 26.13
C MET A 57 5.72 -15.91 26.42
N ASP A 58 6.66 -16.20 27.32
CA ASP A 58 6.90 -17.58 27.77
C ASP A 58 5.64 -18.16 28.39
N TYR A 59 4.94 -17.34 29.17
CA TYR A 59 3.71 -17.77 29.82
C TYR A 59 2.49 -17.71 28.90
N PHE A 60 2.49 -16.77 27.96
CA PHE A 60 1.45 -16.74 26.93
C PHE A 60 1.47 -17.96 26.02
N ARG A 61 2.67 -18.40 25.63
CA ARG A 61 2.83 -19.64 24.86
C ARG A 61 2.19 -20.83 25.58
N ALA A 62 2.41 -20.92 26.88
CA ALA A 62 1.82 -21.97 27.71
C ALA A 62 0.30 -21.86 27.80
N ILE A 63 -0.20 -20.62 27.97
CA ILE A 63 -1.64 -20.34 28.03
C ILE A 63 -2.34 -20.68 26.72
N ALA A 64 -1.80 -20.17 25.61
CA ALA A 64 -2.38 -20.39 24.29
C ALA A 64 -2.33 -21.86 23.88
N ALA A 65 -1.24 -22.54 24.23
CA ALA A 65 -1.08 -23.97 23.95
C ALA A 65 -2.20 -24.80 24.60
N LYS A 66 -2.44 -24.54 25.88
CA LYS A 66 -3.49 -25.27 26.62
C LYS A 66 -4.89 -24.67 26.39
N GLU A 67 -4.95 -23.55 25.66
CA GLU A 67 -6.20 -22.86 25.32
C GLU A 67 -7.01 -22.41 26.54
N GLU A 68 -6.29 -21.99 27.60
CA GLU A 68 -6.92 -21.50 28.81
C GLU A 68 -7.65 -20.18 28.56
N LYS A 69 -8.93 -20.15 28.94
CA LYS A 69 -9.73 -18.94 28.87
C LYS A 69 -10.08 -18.50 30.29
N SER A 70 -9.32 -17.54 30.80
CA SER A 70 -9.41 -17.13 32.20
C SER A 70 -9.07 -15.66 32.39
N GLU A 71 -9.34 -15.15 33.58
CA GLU A 71 -9.03 -13.76 33.93
C GLU A 71 -7.52 -13.49 33.94
N ARG A 72 -6.73 -14.45 34.46
CA ARG A 72 -5.27 -14.30 34.46
C ARG A 72 -4.71 -14.25 33.03
N ALA A 73 -5.31 -15.02 32.13
CA ALA A 73 -4.94 -15.00 30.71
C ALA A 73 -5.30 -13.66 30.07
N LEU A 74 -6.47 -13.13 30.42
CA LEU A 74 -6.91 -11.83 29.95
C LEU A 74 -5.94 -10.73 30.39
N GLU A 75 -5.56 -10.75 31.66
CA GLU A 75 -4.59 -9.80 32.21
C GLU A 75 -3.27 -9.86 31.46
N LEU A 76 -2.80 -11.09 31.20
CA LEU A 76 -1.53 -11.29 30.51
C LEU A 76 -1.54 -10.70 29.09
N THR A 77 -2.68 -10.84 28.39
CA THR A 77 -2.80 -10.28 27.05
C THR A 77 -2.66 -8.75 27.06
N GLU A 78 -3.20 -8.11 28.10
CA GLU A 78 -3.09 -6.66 28.26
C GLU A 78 -1.64 -6.23 28.47
N ILE A 79 -0.97 -6.93 29.38
CA ILE A 79 0.45 -6.71 29.63
C ILE A 79 1.28 -6.76 28.33
N ILE A 80 0.95 -7.72 27.47
CA ILE A 80 1.70 -7.93 26.23
C ILE A 80 1.41 -6.87 25.15
N VAL A 81 0.12 -6.58 24.92
CA VAL A 81 -0.24 -5.59 23.89
C VAL A 81 0.18 -4.18 24.26
N ARG A 82 0.36 -3.93 25.57
CA ARG A 82 0.94 -2.68 26.03
C ARG A 82 2.42 -2.57 25.62
N MET A 83 3.13 -3.69 25.69
CA MET A 83 4.52 -3.75 25.27
C MET A 83 4.67 -3.79 23.75
N ASN A 84 3.74 -4.46 23.08
CA ASN A 84 3.72 -4.53 21.62
C ASN A 84 2.28 -4.44 21.08
N PRO A 85 1.83 -3.21 20.79
CA PRO A 85 0.45 -2.96 20.30
C PRO A 85 0.19 -3.55 18.92
N ALA A 86 1.22 -4.07 18.27
CA ALA A 86 1.07 -4.67 16.94
C ALA A 86 0.98 -6.21 16.96
N HIS A 87 1.00 -6.80 18.16
CA HIS A 87 0.99 -8.25 18.32
C HIS A 87 -0.36 -8.89 18.00
N TYR A 88 -0.63 -9.10 16.71
CA TYR A 88 -1.95 -9.55 16.25
C TYR A 88 -2.44 -10.86 16.86
N THR A 89 -1.53 -11.80 17.12
CA THR A 89 -1.86 -13.07 17.76
C THR A 89 -2.48 -12.81 19.15
N VAL A 90 -1.82 -11.96 19.93
CA VAL A 90 -2.27 -11.66 21.29
C VAL A 90 -3.60 -10.89 21.30
N TRP A 91 -3.79 -9.99 20.33
CA TRP A 91 -5.07 -9.29 20.17
C TRP A 91 -6.20 -10.26 19.84
N GLN A 92 -5.94 -11.20 18.91
CA GLN A 92 -6.89 -12.25 18.55
C GLN A 92 -7.27 -13.07 19.80
N TYR A 93 -6.28 -13.43 20.60
CA TYR A 93 -6.53 -14.22 21.80
C TYR A 93 -7.31 -13.41 22.85
N ARG A 94 -7.03 -12.11 22.93
CA ARG A 94 -7.74 -11.22 23.85
C ARG A 94 -9.24 -11.14 23.57
N PHE A 95 -9.60 -10.92 22.30
CA PHE A 95 -11.00 -10.86 21.90
C PHE A 95 -11.71 -12.19 22.15
N SER A 96 -10.99 -13.28 21.94
CA SER A 96 -11.48 -14.63 22.20
C SER A 96 -11.81 -14.83 23.68
N LEU A 97 -10.97 -14.26 24.55
CA LEU A 97 -11.19 -14.29 25.99
C LEU A 97 -12.41 -13.46 26.40
N LEU A 98 -12.51 -12.26 25.83
CA LEU A 98 -13.61 -11.34 26.11
C LEU A 98 -14.97 -11.99 25.87
N THR A 99 -15.11 -12.63 24.71
CA THR A 99 -16.36 -13.29 24.33
C THR A 99 -16.61 -14.56 25.15
N SER A 100 -15.57 -15.38 25.31
CA SER A 100 -15.63 -16.59 26.12
C SER A 100 -16.07 -16.31 27.57
N LEU A 101 -15.43 -15.33 28.20
CA LEU A 101 -15.72 -14.99 29.59
C LEU A 101 -16.94 -14.09 29.75
N ASN A 102 -17.57 -13.73 28.63
CA ASN A 102 -18.73 -12.83 28.63
C ASN A 102 -18.40 -11.52 29.37
N LYS A 103 -17.23 -10.98 29.08
CA LYS A 103 -16.74 -9.77 29.73
C LYS A 103 -17.51 -8.54 29.27
N SER A 104 -17.47 -7.48 30.06
CA SER A 104 -18.08 -6.21 29.71
C SER A 104 -17.35 -5.58 28.52
N LEU A 105 -18.01 -5.62 27.36
CA LEU A 105 -17.45 -5.06 26.12
C LEU A 105 -17.37 -3.53 26.16
N GLU A 106 -18.28 -2.91 26.93
CA GLU A 106 -18.27 -1.46 27.14
C GLU A 106 -17.04 -1.03 27.95
N ASP A 107 -16.71 -1.81 28.98
CA ASP A 107 -15.47 -1.61 29.76
C ASP A 107 -14.22 -1.70 28.88
N GLU A 108 -14.21 -2.66 27.96
CA GLU A 108 -13.08 -2.87 27.06
C GLU A 108 -12.94 -1.70 26.08
N LEU A 109 -14.08 -1.22 25.57
CA LEU A 109 -14.11 -0.09 24.65
C LEU A 109 -13.55 1.18 25.31
N ARG A 110 -13.89 1.40 26.58
CA ARG A 110 -13.34 2.50 27.37
C ARG A 110 -11.83 2.39 27.57
N LEU A 111 -11.35 1.17 27.77
CA LEU A 111 -9.91 0.92 27.88
C LEU A 111 -9.21 1.22 26.56
N MET A 112 -9.91 0.98 25.45
CA MET A 112 -9.38 1.23 24.11
C MET A 112 -9.32 2.71 23.74
N ASN A 113 -10.09 3.55 24.43
CA ASN A 113 -10.09 5.00 24.19
C ASN A 113 -8.72 5.62 24.40
N GLU A 114 -8.08 5.27 25.51
CA GLU A 114 -6.70 5.65 25.79
C GLU A 114 -5.73 4.96 24.82
N PHE A 115 -5.92 3.65 24.65
CA PHE A 115 -5.06 2.80 23.85
C PHE A 115 -4.95 3.28 22.38
N ALA A 116 -6.09 3.66 21.80
CA ALA A 116 -6.16 4.05 20.40
C ALA A 116 -5.46 5.38 20.10
N VAL A 117 -5.60 6.34 21.02
CA VAL A 117 -4.98 7.67 20.89
C VAL A 117 -3.44 7.58 20.84
N GLN A 118 -2.87 6.70 21.66
CA GLN A 118 -1.43 6.52 21.75
C GLN A 118 -0.88 5.63 20.62
N ASN A 119 -1.77 4.92 19.94
CA ASN A 119 -1.38 3.97 18.90
C ASN A 119 -2.23 4.13 17.63
N LEU A 120 -2.18 5.34 17.06
CA LEU A 120 -2.99 5.74 15.91
C LEU A 120 -2.84 4.85 14.67
N LYS A 121 -1.61 4.40 14.42
CA LYS A 121 -1.29 3.62 13.22
C LYS A 121 -1.34 2.10 13.41
N SER A 122 -1.77 1.66 14.59
CA SER A 122 -1.92 0.22 14.86
C SER A 122 -3.17 -0.35 14.17
N TYR A 123 -2.94 -1.23 13.19
CA TYR A 123 -4.02 -1.95 12.52
C TYR A 123 -4.89 -2.73 13.51
N GLN A 124 -4.25 -3.42 14.44
CA GLN A 124 -4.97 -4.32 15.36
C GLN A 124 -5.75 -3.63 16.47
N VAL A 125 -5.27 -2.48 16.94
CA VAL A 125 -6.05 -1.68 17.89
C VAL A 125 -7.36 -1.22 17.25
N TRP A 126 -7.27 -0.71 16.02
CA TRP A 126 -8.44 -0.23 15.29
C TRP A 126 -9.41 -1.36 14.90
N HIS A 127 -8.86 -2.52 14.54
CA HIS A 127 -9.70 -3.68 14.25
C HIS A 127 -10.39 -4.21 15.51
N HIS A 128 -9.69 -4.14 16.64
CA HIS A 128 -10.24 -4.56 17.93
C HIS A 128 -11.47 -3.71 18.29
N ARG A 129 -11.39 -2.40 18.03
CA ARG A 129 -12.53 -1.50 18.20
C ARG A 129 -13.70 -1.92 17.33
N LEU A 130 -13.40 -2.23 16.07
CA LEU A 130 -14.42 -2.64 15.10
C LEU A 130 -15.15 -3.90 15.57
N LEU A 131 -14.40 -4.90 16.00
CA LEU A 131 -14.98 -6.15 16.47
C LEU A 131 -15.87 -5.93 17.69
N LEU A 132 -15.43 -5.06 18.59
CA LEU A 132 -16.19 -4.69 19.78
C LEU A 132 -17.52 -4.02 19.43
N LEU A 133 -17.47 -3.03 18.54
CA LEU A 133 -18.68 -2.33 18.08
C LEU A 133 -19.64 -3.25 17.35
N ASP A 134 -19.09 -4.11 16.50
CA ASP A 134 -19.86 -5.14 15.80
C ASP A 134 -20.59 -6.07 16.78
N ARG A 135 -19.90 -6.48 17.84
CA ARG A 135 -20.49 -7.41 18.81
C ARG A 135 -21.47 -6.74 19.79
N ILE A 136 -21.09 -5.58 20.33
CA ILE A 136 -22.00 -4.79 21.19
C ILE A 136 -23.27 -4.50 20.40
N SER A 137 -23.10 -4.07 19.15
CA SER A 137 -24.19 -3.79 18.22
C SER A 137 -25.26 -2.84 18.80
N PRO A 138 -24.83 -1.64 19.24
CA PRO A 138 -25.76 -0.72 19.88
C PRO A 138 -26.85 -0.26 18.91
N GLN A 139 -28.05 -0.04 19.43
CA GLN A 139 -29.17 0.45 18.61
C GLN A 139 -28.88 1.83 18.02
N ASP A 140 -28.10 2.63 18.75
CA ASP A 140 -27.65 3.94 18.26
C ASP A 140 -26.15 4.10 18.52
N PRO A 141 -25.34 4.19 17.45
CA PRO A 141 -23.88 4.29 17.59
C PRO A 141 -23.35 5.72 17.77
N VAL A 142 -24.23 6.66 18.11
CA VAL A 142 -23.88 8.08 18.22
C VAL A 142 -22.64 8.37 19.10
N SER A 143 -22.55 7.71 20.25
CA SER A 143 -21.42 7.88 21.17
C SER A 143 -20.07 7.54 20.52
N GLU A 144 -20.05 6.46 19.75
CA GLU A 144 -18.83 6.06 19.05
C GLU A 144 -18.46 7.04 17.94
N ILE A 145 -19.46 7.52 17.20
CA ILE A 145 -19.27 8.54 16.18
C ILE A 145 -18.59 9.78 16.77
N GLU A 146 -19.12 10.26 17.90
CA GLU A 146 -18.56 11.39 18.62
C GLU A 146 -17.12 11.14 19.09
N TYR A 147 -16.87 9.98 19.67
CA TYR A 147 -15.51 9.62 20.08
C TYR A 147 -14.54 9.70 18.90
N ILE A 148 -14.94 9.11 17.78
CA ILE A 148 -14.11 9.06 16.57
C ILE A 148 -13.76 10.46 16.07
N HIS A 149 -14.74 11.35 16.04
CA HIS A 149 -14.52 12.75 15.69
C HIS A 149 -13.47 13.39 16.60
N GLY A 150 -13.63 13.18 17.91
CA GLY A 150 -12.68 13.68 18.90
C GLY A 150 -11.26 13.14 18.70
N SER A 151 -11.16 11.84 18.44
CA SER A 151 -9.88 11.16 18.28
C SER A 151 -9.05 11.69 17.10
N LEU A 152 -9.71 12.39 16.17
CA LEU A 152 -9.05 12.95 14.99
C LEU A 152 -8.34 14.28 15.26
N LEU A 153 -8.49 14.84 16.46
CA LEU A 153 -7.84 16.11 16.82
C LEU A 153 -6.30 16.07 16.68
N PRO A 154 -5.62 15.08 17.29
CA PRO A 154 -4.16 15.02 17.17
C PRO A 154 -3.64 14.71 15.75
N ASP A 155 -4.41 13.97 14.96
CA ASP A 155 -4.06 13.71 13.55
C ASP A 155 -5.33 13.61 12.69
N PRO A 156 -5.71 14.72 12.04
CA PRO A 156 -6.93 14.81 11.22
C PRO A 156 -6.89 13.93 9.98
N LYS A 157 -5.75 13.31 9.70
CA LYS A 157 -5.59 12.51 8.49
C LYS A 157 -5.27 11.05 8.77
N ASN A 158 -5.45 10.60 10.02
CA ASN A 158 -5.15 9.22 10.38
C ASN A 158 -5.97 8.26 9.54
N TYR A 159 -5.29 7.53 8.66
CA TYR A 159 -5.96 6.70 7.67
C TYR A 159 -6.90 5.65 8.27
N HIS A 160 -6.41 4.90 9.26
CA HIS A 160 -7.22 3.84 9.89
C HIS A 160 -8.49 4.39 10.54
N THR A 161 -8.42 5.61 11.05
CA THR A 161 -9.58 6.25 11.68
C THR A 161 -10.65 6.54 10.65
N TRP A 162 -10.26 7.14 9.54
CA TRP A 162 -11.18 7.45 8.45
C TRP A 162 -11.82 6.19 7.88
N ALA A 163 -11.01 5.14 7.71
CA ALA A 163 -11.49 3.84 7.25
C ALA A 163 -12.51 3.25 8.23
N TYR A 164 -12.22 3.41 9.53
CA TYR A 164 -13.10 2.93 10.58
C TYR A 164 -14.43 3.69 10.60
N LEU A 165 -14.36 5.01 10.43
CA LEU A 165 -15.55 5.86 10.34
C LEU A 165 -16.47 5.44 9.19
N HIS A 166 -15.87 5.17 8.04
CA HIS A 166 -16.58 4.62 6.87
C HIS A 166 -17.28 3.30 7.20
N TRP A 167 -16.55 2.38 7.83
CA TRP A 167 -17.13 1.09 8.20
C TRP A 167 -18.31 1.26 9.19
N LEU A 168 -18.13 2.13 10.18
CA LEU A 168 -19.14 2.34 11.22
C LEU A 168 -20.47 2.76 10.60
N TYR A 169 -20.44 3.81 9.79
CA TYR A 169 -21.64 4.30 9.12
C TYR A 169 -22.24 3.28 8.13
N SER A 170 -21.38 2.56 7.43
CA SER A 170 -21.83 1.56 6.44
C SER A 170 -22.50 0.36 7.12
N HIS A 171 -21.83 -0.18 8.14
CA HIS A 171 -22.34 -1.31 8.92
C HIS A 171 -23.66 -0.97 9.61
N PHE A 172 -23.69 0.15 10.33
CA PHE A 172 -24.89 0.53 11.08
C PHE A 172 -26.03 1.07 10.23
N SER A 173 -25.71 1.61 9.06
CA SER A 173 -26.76 2.02 8.11
C SER A 173 -27.44 0.79 7.49
N THR A 174 -26.65 -0.25 7.22
CA THR A 174 -27.17 -1.53 6.73
C THR A 174 -28.22 -2.09 7.69
N LEU A 175 -28.00 -1.90 8.99
CA LEU A 175 -28.94 -2.32 10.02
C LEU A 175 -30.11 -1.34 10.21
N GLY A 176 -30.08 -0.25 9.44
CA GLY A 176 -31.12 0.78 9.49
C GLY A 176 -31.05 1.65 10.74
N ARG A 177 -29.85 1.84 11.28
CA ARG A 177 -29.67 2.53 12.55
C ARG A 177 -29.08 3.96 12.44
N ILE A 178 -28.87 4.43 11.22
CA ILE A 178 -28.44 5.82 11.01
C ILE A 178 -29.62 6.65 10.51
N SER A 179 -30.11 7.55 11.37
CA SER A 179 -31.25 8.42 11.04
C SER A 179 -30.83 9.58 10.12
N GLU A 180 -31.81 10.27 9.56
CA GLU A 180 -31.55 11.42 8.70
C GLU A 180 -30.89 12.58 9.47
N ALA A 181 -31.28 12.77 10.73
CA ALA A 181 -30.62 13.75 11.60
C ALA A 181 -29.13 13.42 11.77
N GLN A 182 -28.83 12.13 11.95
CA GLN A 182 -27.45 11.67 12.09
C GLN A 182 -26.62 11.94 10.84
N TRP A 183 -27.15 11.59 9.65
CA TRP A 183 -26.49 11.91 8.38
C TRP A 183 -26.28 13.42 8.23
N GLY A 184 -27.28 14.20 8.60
CA GLY A 184 -27.23 15.66 8.52
C GLY A 184 -26.13 16.28 9.36
N SER A 185 -26.03 15.86 10.63
CA SER A 185 -24.99 16.37 11.52
C SER A 185 -23.59 15.88 11.13
N GLU A 186 -23.53 14.73 10.46
CA GLU A 186 -22.26 14.20 9.95
C GLU A 186 -21.72 15.07 8.80
N LEU A 187 -22.62 15.53 7.93
CA LEU A 187 -22.24 16.45 6.86
C LEU A 187 -21.81 17.81 7.43
N ASP A 188 -22.49 18.26 8.48
CA ASP A 188 -22.14 19.49 9.19
C ASP A 188 -20.72 19.39 9.76
N TRP A 189 -20.40 18.25 10.38
CA TRP A 189 -19.07 18.04 10.93
C TRP A 189 -18.02 18.01 9.82
N CYS A 190 -18.34 17.35 8.71
CA CYS A 190 -17.43 17.26 7.56
C CYS A 190 -17.17 18.63 6.97
N ASN A 191 -18.22 19.44 6.85
CA ASN A 191 -18.10 20.84 6.41
C ASN A 191 -17.16 21.65 7.30
N GLU A 192 -17.25 21.43 8.61
CA GLU A 192 -16.38 22.10 9.58
C GLU A 192 -14.92 21.68 9.42
N MET A 193 -14.70 20.38 9.22
CA MET A 193 -13.35 19.83 8.99
C MET A 193 -12.68 20.49 7.78
N LEU A 194 -13.43 20.62 6.69
CA LEU A 194 -12.92 21.25 5.46
C LEU A 194 -12.81 22.77 5.57
N ARG A 195 -13.55 23.38 6.49
CA ARG A 195 -13.41 24.80 6.78
C ARG A 195 -12.10 25.06 7.53
N VAL A 196 -11.79 24.19 8.50
CA VAL A 196 -10.56 24.29 9.29
C VAL A 196 -9.31 24.02 8.43
N ASP A 197 -9.40 23.02 7.55
CA ASP A 197 -8.34 22.72 6.60
C ASP A 197 -8.93 22.21 5.29
N GLY A 198 -9.02 23.09 4.31
CA GLY A 198 -9.58 22.74 3.00
C GLY A 198 -8.70 21.81 2.19
N ARG A 199 -7.45 21.64 2.63
CA ARG A 199 -6.51 20.75 1.98
C ARG A 199 -6.50 19.35 2.63
N ASN A 200 -7.47 19.08 3.50
CA ASN A 200 -7.60 17.76 4.11
C ASN A 200 -8.31 16.77 3.19
N ASN A 201 -7.52 16.04 2.42
CA ASN A 201 -8.03 15.08 1.45
C ASN A 201 -8.89 13.98 2.06
N SER A 202 -8.63 13.64 3.32
CA SER A 202 -9.39 12.62 4.04
C SER A 202 -10.84 13.04 4.25
N ALA A 203 -11.04 14.32 4.54
CA ALA A 203 -12.37 14.90 4.71
C ALA A 203 -13.09 15.08 3.37
N TRP A 204 -12.35 15.41 2.32
CA TRP A 204 -12.91 15.42 0.97
C TRP A 204 -13.43 14.02 0.60
N GLY A 205 -12.65 12.99 0.93
CA GLY A 205 -13.07 11.61 0.70
C GLY A 205 -14.36 11.26 1.43
N TRP A 206 -14.45 11.73 2.68
CA TRP A 206 -15.64 11.52 3.51
C TRP A 206 -16.86 12.25 2.93
N ARG A 207 -16.64 13.46 2.41
CA ARG A 207 -17.71 14.18 1.73
C ARG A 207 -18.28 13.39 0.56
N TRP A 208 -17.38 12.76 -0.22
CA TRP A 208 -17.78 11.92 -1.36
C TRP A 208 -18.67 10.77 -0.92
N TYR A 209 -18.32 10.13 0.18
CA TYR A 209 -19.16 9.08 0.76
C TYR A 209 -20.53 9.64 1.15
N LEU A 210 -20.51 10.75 1.89
CA LEU A 210 -21.73 11.37 2.42
C LEU A 210 -22.68 11.89 1.33
N ARG A 211 -22.10 12.44 0.27
CA ARG A 211 -22.86 13.11 -0.78
C ARG A 211 -23.09 12.28 -2.04
N VAL A 212 -22.15 11.38 -2.36
CA VAL A 212 -22.19 10.68 -3.64
C VAL A 212 -22.32 9.16 -3.54
N SER A 213 -21.40 8.52 -2.81
CA SER A 213 -21.27 7.06 -2.91
C SER A 213 -22.20 6.23 -2.01
N ARG A 214 -22.54 6.74 -0.82
CA ARG A 214 -23.40 5.97 0.09
C ARG A 214 -24.75 5.65 -0.58
N PRO A 215 -25.31 4.45 -0.32
CA PRO A 215 -26.55 4.03 -1.00
C PRO A 215 -27.71 5.00 -0.79
N GLY A 216 -27.82 5.55 0.41
CA GLY A 216 -28.94 6.44 0.76
C GLY A 216 -28.79 7.89 0.35
N ALA A 217 -27.74 8.20 -0.43
CA ALA A 217 -27.51 9.58 -0.88
C ALA A 217 -28.53 10.02 -1.93
N GLU A 218 -29.04 11.24 -1.77
CA GLU A 218 -30.01 11.81 -2.70
C GLU A 218 -29.34 12.26 -3.98
N THR A 219 -29.91 11.85 -5.11
CA THR A 219 -29.48 12.35 -6.40
C THR A 219 -30.66 13.02 -7.12
N SER A 220 -30.64 14.34 -7.14
CA SER A 220 -31.61 15.14 -7.89
C SER A 220 -30.84 16.23 -8.63
N SER A 221 -31.49 16.84 -9.62
CA SER A 221 -30.86 17.93 -10.37
C SER A 221 -30.47 19.08 -9.44
N ARG A 222 -31.19 19.23 -8.33
CA ARG A 222 -30.94 20.29 -7.36
C ARG A 222 -29.79 19.95 -6.40
N SER A 223 -29.65 18.67 -6.04
CA SER A 223 -28.55 18.23 -5.18
C SER A 223 -27.21 18.32 -5.92
N LEU A 224 -27.27 18.10 -7.23
CA LEU A 224 -26.11 18.29 -8.11
C LEU A 224 -25.70 19.76 -8.16
N GLN A 225 -26.70 20.64 -8.27
CA GLN A 225 -26.48 22.09 -8.26
C GLN A 225 -25.73 22.54 -7.01
N ASP A 226 -26.26 22.16 -5.84
CA ASP A 226 -25.63 22.46 -4.55
C ASP A 226 -24.19 21.97 -4.50
N GLU A 227 -23.97 20.74 -4.96
CA GLU A 227 -22.65 20.12 -4.95
C GLU A 227 -21.67 20.89 -5.82
N LEU A 228 -22.08 21.26 -7.03
CA LEU A 228 -21.28 22.10 -7.91
C LEU A 228 -20.90 23.43 -7.25
N ILE A 229 -21.86 24.06 -6.58
CA ILE A 229 -21.61 25.32 -5.87
C ILE A 229 -20.53 25.14 -4.81
N TYR A 230 -20.66 24.09 -4.00
CA TYR A 230 -19.68 23.81 -2.95
C TYR A 230 -18.27 23.59 -3.53
N ILE A 231 -18.19 22.76 -4.57
CA ILE A 231 -16.91 22.45 -5.23
C ILE A 231 -16.26 23.70 -5.80
N LEU A 232 -17.02 24.43 -6.62
CA LEU A 232 -16.54 25.68 -7.24
C LEU A 232 -16.08 26.72 -6.22
N LYS A 233 -16.91 26.94 -5.18
CA LYS A 233 -16.55 27.83 -4.08
C LYS A 233 -15.22 27.43 -3.42
N SER A 234 -15.03 26.12 -3.24
CA SER A 234 -13.81 25.56 -2.68
C SER A 234 -12.59 25.84 -3.55
N ILE A 235 -12.77 25.68 -4.87
CA ILE A 235 -11.71 25.99 -5.83
C ILE A 235 -11.36 27.47 -5.81
N HIS A 236 -12.37 28.34 -5.77
CA HIS A 236 -12.12 29.78 -5.74
C HIS A 236 -11.39 30.24 -4.48
N LEU A 237 -11.72 29.59 -3.36
CA LEU A 237 -11.06 29.85 -2.08
C LEU A 237 -9.60 29.36 -2.04
N ILE A 238 -9.33 28.22 -2.67
CA ILE A 238 -7.96 27.67 -2.75
C ILE A 238 -7.68 27.11 -4.15
N PRO A 239 -7.36 27.99 -5.13
CA PRO A 239 -7.19 27.60 -6.53
C PRO A 239 -6.14 26.51 -6.82
N HIS A 240 -5.13 26.40 -5.96
CA HIS A 240 -4.08 25.40 -6.15
C HIS A 240 -4.29 24.11 -5.34
N ASN A 241 -5.49 23.96 -4.77
CA ASN A 241 -5.82 22.78 -3.97
C ASN A 241 -6.20 21.55 -4.82
N VAL A 242 -5.24 20.63 -4.97
CA VAL A 242 -5.43 19.42 -5.78
C VAL A 242 -6.65 18.59 -5.35
N SER A 243 -6.92 18.56 -4.05
CA SER A 243 -8.08 17.85 -3.50
C SER A 243 -9.40 18.33 -4.09
N ALA A 244 -9.57 19.64 -4.18
CA ALA A 244 -10.77 20.25 -4.73
C ALA A 244 -10.91 19.98 -6.24
N TRP A 245 -9.79 20.10 -6.96
CA TRP A 245 -9.75 19.78 -8.40
C TRP A 245 -10.10 18.32 -8.71
N ASN A 246 -9.49 17.39 -7.97
CA ASN A 246 -9.78 15.96 -8.14
C ASN A 246 -11.25 15.66 -7.85
N TYR A 247 -11.79 16.29 -6.82
CA TYR A 247 -13.19 16.12 -6.46
C TYR A 247 -14.10 16.58 -7.61
N LEU A 248 -13.82 17.75 -8.17
CA LEU A 248 -14.57 18.28 -9.33
C LEU A 248 -14.56 17.31 -10.50
N ARG A 249 -13.38 16.81 -10.85
CA ARG A 249 -13.23 15.89 -11.98
C ARG A 249 -13.95 14.55 -11.74
N GLY A 250 -13.85 14.03 -10.52
CA GLY A 250 -14.59 12.82 -10.15
C GLY A 250 -16.10 13.03 -10.24
N PHE A 251 -16.56 14.17 -9.70
CA PHE A 251 -17.96 14.54 -9.71
C PHE A 251 -18.59 14.53 -11.11
N LEU A 252 -17.99 15.27 -12.02
CA LEU A 252 -18.48 15.39 -13.40
C LEU A 252 -18.45 14.05 -14.13
N LYS A 253 -17.37 13.29 -13.91
CA LYS A 253 -17.21 11.98 -14.52
C LYS A 253 -18.28 11.00 -14.02
N HIS A 254 -18.46 10.96 -12.70
CA HIS A 254 -19.41 10.04 -12.06
C HIS A 254 -20.85 10.29 -12.49
N PHE A 255 -21.22 11.56 -12.65
CA PHE A 255 -22.59 11.94 -13.04
C PHE A 255 -22.74 12.24 -14.54
N SER A 256 -21.72 11.87 -15.32
CA SER A 256 -21.71 12.09 -16.79
C SER A 256 -22.08 13.52 -17.19
N LEU A 257 -21.55 14.50 -16.45
CA LEU A 257 -21.82 15.91 -16.71
C LEU A 257 -20.76 16.51 -17.63
N PRO A 258 -21.19 17.29 -18.64
CA PRO A 258 -20.28 17.95 -19.59
C PRO A 258 -19.38 18.99 -18.90
N LEU A 259 -18.15 19.11 -19.38
CA LEU A 259 -17.19 20.06 -18.82
C LEU A 259 -17.41 21.50 -19.30
N VAL A 260 -17.83 21.63 -20.56
CA VAL A 260 -17.95 22.94 -21.23
C VAL A 260 -18.76 24.00 -20.46
N PRO A 261 -19.99 23.66 -20.01
CA PRO A 261 -20.82 24.69 -19.35
C PRO A 261 -20.23 25.29 -18.07
N ILE A 262 -19.31 24.59 -17.43
CA ILE A 262 -18.66 25.07 -16.21
C ILE A 262 -17.40 25.89 -16.56
N LEU A 263 -16.92 25.74 -17.80
CA LEU A 263 -15.67 26.35 -18.27
C LEU A 263 -15.44 27.83 -17.89
N PRO A 264 -16.48 28.69 -17.94
CA PRO A 264 -16.29 30.08 -17.52
C PRO A 264 -15.69 30.26 -16.12
N ALA A 265 -16.06 29.39 -15.19
CA ALA A 265 -15.54 29.45 -13.81
C ALA A 265 -14.08 29.00 -13.69
N ILE A 266 -13.56 28.39 -14.74
CA ILE A 266 -12.23 27.77 -14.72
C ILE A 266 -11.22 28.47 -15.65
N LEU A 267 -11.72 29.00 -16.76
CA LEU A 267 -10.92 29.77 -17.72
C LEU A 267 -9.93 30.80 -17.11
N PRO A 268 -10.36 31.60 -16.09
CA PRO A 268 -9.41 32.56 -15.53
C PRO A 268 -8.11 31.95 -14.98
N TYR A 269 -8.20 30.72 -14.49
CA TYR A 269 -7.03 30.02 -13.95
C TYR A 269 -6.10 29.47 -15.05
N THR A 270 -6.55 29.53 -16.30
CA THR A 270 -5.77 29.03 -17.43
C THR A 270 -4.87 30.10 -18.07
N ALA A 271 -4.89 31.31 -17.52
CA ALA A 271 -4.08 32.42 -18.03
C ALA A 271 -2.60 32.24 -17.69
N PHE A 286 -23.37 30.03 -11.41
CA PHE A 286 -22.38 29.32 -10.59
C PHE A 286 -21.26 30.25 -10.11
N PRO A 287 -20.65 29.93 -8.96
CA PRO A 287 -19.59 30.76 -8.37
C PRO A 287 -18.42 31.03 -9.32
N MET A 288 -17.94 32.27 -9.28
CA MET A 288 -16.83 32.73 -10.14
C MET A 288 -15.61 33.12 -9.29
N PRO A 289 -14.41 33.12 -9.89
CA PRO A 289 -13.18 33.52 -9.17
C PRO A 289 -13.26 34.92 -8.55
N SER A 290 -12.44 35.17 -7.54
CA SER A 290 -12.40 36.44 -6.83
C SER A 290 -12.04 37.62 -7.75
N ASP A 291 -12.65 38.77 -7.47
CA ASP A 291 -12.44 39.99 -8.25
C ASP A 291 -11.03 40.54 -8.06
N LEU A 293 -8.51 38.02 -7.93
CA LEU A 293 -7.82 36.79 -7.50
C LEU A 293 -7.05 36.99 -6.20
N PRO A 294 -7.10 36.00 -5.29
CA PRO A 294 -6.37 36.06 -4.02
C PRO A 294 -4.85 36.11 -4.22
N GLU A 295 -4.16 36.75 -3.27
CA GLU A 295 -2.71 36.86 -3.30
C GLU A 295 -2.05 35.48 -3.25
N ASP A 296 -0.84 35.38 -3.81
CA ASP A 296 -0.08 34.13 -3.90
C ASP A 296 -0.82 33.07 -4.73
N THR A 297 -1.29 33.48 -5.90
CA THR A 297 -1.94 32.57 -6.84
C THR A 297 -1.33 32.72 -8.24
N PRO A 298 -0.14 32.09 -8.45
CA PRO A 298 0.51 32.18 -9.76
C PRO A 298 -0.26 31.39 -10.83
N LEU A 299 -0.34 31.97 -12.03
CA LEU A 299 -1.08 31.37 -13.13
C LEU A 299 -0.11 30.93 -14.23
N PRO A 300 -0.47 29.88 -15.00
CA PRO A 300 -1.70 29.10 -14.90
C PRO A 300 -1.63 27.98 -13.86
N VAL A 301 -2.79 27.55 -13.38
CA VAL A 301 -2.90 26.37 -12.52
C VAL A 301 -2.91 25.13 -13.42
N PRO A 302 -1.88 24.27 -13.29
CA PRO A 302 -1.76 23.08 -14.15
C PRO A 302 -3.08 22.31 -14.34
N LEU A 303 -3.81 22.07 -13.25
CA LEU A 303 -5.05 21.29 -13.31
C LEU A 303 -6.22 22.04 -13.97
N ALA A 304 -6.14 23.38 -13.98
CA ALA A 304 -7.06 24.19 -14.75
C ALA A 304 -6.84 23.99 -16.26
N LEU A 305 -5.57 23.85 -16.65
CA LEU A 305 -5.21 23.53 -18.03
C LEU A 305 -5.60 22.10 -18.41
N GLU A 306 -5.50 21.18 -17.45
CA GLU A 306 -5.97 19.81 -17.65
C GLU A 306 -7.47 19.81 -17.94
N TYR A 307 -8.20 20.62 -17.17
CA TYR A 307 -9.64 20.80 -17.40
C TYR A 307 -9.93 21.34 -18.79
N LEU A 308 -9.19 22.39 -19.18
CA LEU A 308 -9.37 23.03 -20.48
C LEU A 308 -9.08 22.08 -21.64
N ALA A 309 -8.01 21.30 -21.53
CA ALA A 309 -7.64 20.33 -22.56
C ALA A 309 -8.71 19.24 -22.70
N ASP A 310 -9.17 18.72 -21.56
CA ASP A 310 -10.26 17.73 -21.55
C ASP A 310 -11.58 18.30 -22.09
N SER A 311 -11.81 19.59 -21.87
CA SER A 311 -12.97 20.27 -22.44
C SER A 311 -12.87 20.39 -23.97
N PHE A 312 -11.65 20.60 -24.47
CA PHE A 312 -11.40 20.59 -25.92
C PHE A 312 -11.64 19.20 -26.51
N ILE A 313 -11.22 18.17 -25.78
CA ILE A 313 -11.46 16.77 -26.17
C ILE A 313 -12.96 16.49 -26.30
N GLU A 314 -13.72 16.97 -25.32
CA GLU A 314 -15.18 16.87 -25.31
C GLU A 314 -15.81 17.53 -26.54
N GLN A 315 -15.14 18.56 -27.07
CA GLN A 315 -15.62 19.33 -28.22
C GLN A 315 -15.07 18.83 -29.56
N ASN A 316 -14.41 17.67 -29.55
CA ASN A 316 -13.72 17.13 -30.75
C ASN A 316 -12.52 17.94 -31.23
N ARG A 317 -12.20 19.02 -30.52
CA ARG A 317 -11.08 19.88 -30.88
C ARG A 317 -9.75 19.30 -30.40
N VAL A 318 -9.27 18.30 -31.13
CA VAL A 318 -8.09 17.51 -30.74
C VAL A 318 -6.76 18.27 -30.85
N ASP A 319 -6.67 19.21 -31.78
CA ASP A 319 -5.46 20.02 -31.95
C ASP A 319 -5.32 21.06 -30.84
N ASP A 320 -6.45 21.64 -30.42
CA ASP A 320 -6.49 22.59 -29.32
C ASP A 320 -6.15 21.93 -27.98
N ALA A 321 -6.54 20.67 -27.84
CA ALA A 321 -6.19 19.89 -26.64
C ALA A 321 -4.70 19.56 -26.64
N ALA A 322 -4.19 19.14 -27.80
CA ALA A 322 -2.78 18.79 -27.98
C ALA A 322 -1.84 19.94 -27.60
N LYS A 323 -2.21 21.15 -28.02
CA LYS A 323 -1.43 22.36 -27.70
C LYS A 323 -1.37 22.63 -26.20
N VAL A 324 -2.49 22.43 -25.51
CA VAL A 324 -2.54 22.60 -24.05
C VAL A 324 -1.70 21.53 -23.35
N PHE A 325 -1.81 20.29 -23.83
CA PHE A 325 -1.01 19.18 -23.28
C PHE A 325 0.48 19.40 -23.48
N GLU A 326 0.86 19.89 -24.66
CA GLU A 326 2.27 20.16 -24.95
C GLU A 326 2.83 21.25 -24.04
N LYS A 327 2.00 22.26 -23.76
CA LYS A 327 2.37 23.36 -22.88
C LYS A 327 2.55 22.89 -21.45
N LEU A 328 1.67 22.00 -20.99
CA LEU A 328 1.82 21.35 -19.69
C LEU A 328 3.14 20.57 -19.64
N SER A 329 3.46 19.91 -20.75
CA SER A 329 4.70 19.14 -20.89
C SER A 329 5.94 20.03 -20.98
N SER A 330 5.85 21.11 -21.75
CA SER A 330 6.99 22.01 -22.03
C SER A 330 7.32 23.00 -20.92
N GLU A 331 6.28 23.55 -20.28
CA GLU A 331 6.44 24.76 -19.46
C GLU A 331 5.81 24.72 -18.08
N TYR A 332 4.54 24.31 -18.00
CA TYR A 332 3.73 24.57 -16.81
C TYR A 332 3.67 23.45 -15.76
N ASP A 333 3.99 22.23 -16.16
CA ASP A 333 4.02 21.08 -15.25
C ASP A 333 5.06 20.09 -15.73
N GLN A 334 6.32 20.55 -15.72
CA GLN A 334 7.44 19.83 -16.34
C GLN A 334 7.84 18.54 -15.62
N MET A 335 7.46 18.38 -14.35
CA MET A 335 7.68 17.12 -13.63
C MET A 335 6.96 15.97 -14.34
N ARG A 336 5.78 16.27 -14.88
CA ARG A 336 4.98 15.31 -15.64
C ARG A 336 5.15 15.42 -17.15
N ALA A 337 6.32 15.90 -17.59
CA ALA A 337 6.58 16.12 -19.02
C ALA A 337 6.20 14.92 -19.90
N GLY A 338 6.62 13.72 -19.48
CA GLY A 338 6.35 12.49 -20.20
C GLY A 338 4.89 12.11 -20.29
N TYR A 339 4.17 12.25 -19.18
CA TYR A 339 2.73 11.95 -19.12
C TYR A 339 1.91 12.88 -20.00
N TRP A 340 2.22 14.18 -19.95
CA TRP A 340 1.51 15.16 -20.76
C TRP A 340 1.81 14.98 -22.25
N GLU A 341 3.05 14.56 -22.56
CA GLU A 341 3.43 14.19 -23.93
C GLU A 341 2.64 12.98 -24.42
N PHE A 342 2.52 11.96 -23.56
CA PHE A 342 1.65 10.82 -23.82
C PHE A 342 0.22 11.27 -24.14
N ARG A 343 -0.31 12.16 -23.30
CA ARG A 343 -1.66 12.72 -23.50
C ARG A 343 -1.77 13.56 -24.77
N ARG A 344 -0.68 14.22 -25.17
CA ARG A 344 -0.64 14.98 -26.41
C ARG A 344 -0.68 14.04 -27.62
N ARG A 345 0.13 12.97 -27.58
CA ARG A 345 0.18 11.97 -28.65
C ARG A 345 -1.16 11.25 -28.81
N GLU A 346 -1.90 11.15 -27.71
CA GLU A 346 -3.24 10.54 -27.70
C GLU A 346 -4.22 11.30 -28.58
N CYS A 347 -4.03 12.62 -28.70
CA CYS A 347 -4.85 13.46 -29.56
C CYS A 347 -4.46 13.28 -31.02
N ALA A 348 -3.15 13.28 -31.28
CA ALA A 348 -2.61 13.17 -32.63
C ALA A 348 -2.69 11.74 -33.16
N PHE B 5 12.02 14.57 -21.71
CA PHE B 5 10.74 14.32 -20.96
C PHE B 5 10.97 13.87 -19.51
N THR B 6 12.22 13.70 -19.12
CA THR B 6 12.56 13.43 -17.72
C THR B 6 13.57 14.45 -17.21
N PRO B 7 13.12 15.69 -16.96
CA PRO B 7 14.07 16.73 -16.54
C PRO B 7 14.62 16.51 -15.12
N SER B 8 15.90 16.80 -14.96
CA SER B 8 16.53 16.82 -13.65
C SER B 8 15.92 17.90 -12.77
N VAL B 9 15.83 17.59 -11.47
CA VAL B 9 15.37 18.55 -10.46
C VAL B 9 16.24 19.82 -10.47
N TYR B 10 17.53 19.66 -10.74
CA TYR B 10 18.47 20.78 -10.77
C TYR B 10 18.28 21.70 -11.98
N SER B 11 17.60 21.20 -13.02
CA SER B 11 17.36 21.96 -14.25
C SER B 11 16.02 22.71 -14.22
N LEU B 12 15.22 22.46 -13.18
CA LEU B 12 13.90 23.10 -13.07
C LEU B 12 13.88 24.16 -11.96
N VAL B 13 12.96 25.11 -12.09
CA VAL B 13 12.78 26.16 -11.08
C VAL B 13 12.08 25.57 -9.86
N SER B 14 12.65 25.78 -8.68
CA SER B 14 12.07 25.30 -7.42
C SER B 14 11.23 26.39 -6.76
N LYS B 15 9.92 26.13 -6.67
CA LYS B 15 8.98 27.06 -6.05
C LYS B 15 8.10 26.33 -5.04
N PRO B 16 7.78 26.99 -3.91
CA PRO B 16 6.90 26.37 -2.92
C PRO B 16 5.50 26.20 -3.49
N LEU B 17 4.73 25.25 -2.94
CA LEU B 17 3.32 25.16 -3.25
C LEU B 17 2.67 26.47 -2.78
N PRO B 18 1.96 27.15 -3.69
CA PRO B 18 1.33 28.45 -3.40
C PRO B 18 0.29 28.34 -2.29
N SER B 19 0.14 29.42 -1.51
CA SER B 19 -0.74 29.44 -0.35
C SER B 19 -2.17 29.84 -0.69
N ASN B 20 -2.32 30.66 -1.74
CA ASN B 20 -3.61 31.29 -2.10
C ASN B 20 -4.16 32.18 -0.98
N SER B 21 -3.27 32.59 -0.08
CA SER B 21 -3.61 33.43 1.07
C SER B 21 -4.48 32.73 2.10
N ARG B 22 -4.63 31.42 1.97
CA ARG B 22 -5.34 30.63 2.95
C ARG B 22 -4.41 29.61 3.60
N PRO B 23 -3.85 29.97 4.77
CA PRO B 23 -3.02 29.03 5.53
C PRO B 23 -3.83 27.88 6.10
N SER B 24 -3.19 26.73 6.24
CA SER B 24 -3.76 25.57 6.93
C SER B 24 -2.63 24.69 7.46
N ALA B 25 -2.99 23.78 8.36
CA ALA B 25 -2.03 22.82 8.92
C ALA B 25 -1.30 22.01 7.84
N THR B 26 -2.02 21.63 6.78
CA THR B 26 -1.45 20.91 5.64
C THR B 26 -0.31 21.70 4.99
N LEU B 27 -0.55 22.98 4.72
CA LEU B 27 0.44 23.83 4.09
C LEU B 27 1.65 24.09 4.98
N ASP B 28 1.42 24.23 6.28
CA ASP B 28 2.50 24.39 7.27
C ASP B 28 3.49 23.23 7.21
N GLU B 29 2.97 22.01 7.24
CA GLU B 29 3.81 20.81 7.13
C GLU B 29 4.48 20.70 5.76
N GLN B 30 3.72 21.02 4.70
CA GLN B 30 4.26 21.00 3.34
C GLN B 30 5.45 21.96 3.20
N ALA B 31 5.24 23.22 3.58
CA ALA B 31 6.30 24.25 3.50
C ALA B 31 7.56 23.86 4.26
N GLU B 32 7.37 23.28 5.45
CA GLU B 32 8.45 22.77 6.29
C GLU B 32 9.25 21.67 5.59
N THR B 33 8.53 20.76 4.94
CA THR B 33 9.14 19.66 4.21
C THR B 33 9.85 20.17 2.95
N GLU B 34 9.25 21.15 2.29
CA GLU B 34 9.86 21.78 1.11
C GLU B 34 11.21 22.39 1.44
N ASP B 35 11.26 23.11 2.57
CA ASP B 35 12.51 23.71 3.06
C ASP B 35 13.56 22.65 3.32
N LEU B 36 13.16 21.60 4.02
CA LEU B 36 14.04 20.51 4.45
C LEU B 36 14.71 19.79 3.28
N ILE B 37 13.93 19.48 2.26
CA ILE B 37 14.43 18.74 1.08
C ILE B 37 15.28 19.64 0.18
N SER B 38 14.77 20.84 -0.13
CA SER B 38 15.47 21.80 -0.98
C SER B 38 16.82 22.24 -0.40
N GLN B 39 16.90 22.35 0.92
CA GLN B 39 18.15 22.67 1.60
C GLN B 39 19.21 21.60 1.38
N LEU B 40 18.81 20.33 1.45
CA LEU B 40 19.71 19.21 1.22
C LEU B 40 20.14 19.11 -0.25
N PHE B 41 19.22 19.39 -1.17
CA PHE B 41 19.57 19.47 -2.59
C PHE B 41 20.56 20.59 -2.88
N ASP B 42 20.41 21.72 -2.19
CA ASP B 42 21.32 22.86 -2.33
C ASP B 42 22.74 22.55 -1.85
N LEU B 43 22.86 21.68 -0.86
CA LEU B 43 24.17 21.30 -0.30
C LEU B 43 24.84 20.15 -1.09
N THR B 44 24.11 19.60 -2.05
CA THR B 44 24.55 18.41 -2.78
C THR B 44 24.89 18.72 -4.23
N ALA B 45 26.01 18.16 -4.70
CA ALA B 45 26.39 18.26 -6.11
C ALA B 45 25.34 17.59 -7.00
N ASP B 46 24.99 18.25 -8.09
CA ASP B 46 24.07 17.71 -9.09
C ASP B 46 24.64 16.40 -9.63
N PRO B 47 23.92 15.27 -9.42
CA PRO B 47 24.40 13.95 -9.83
C PRO B 47 24.73 13.86 -11.32
N ASN B 48 24.12 14.72 -12.13
CA ASN B 48 24.29 14.69 -13.58
C ASN B 48 25.53 15.43 -14.10
N ALA B 49 26.18 16.20 -13.24
CA ALA B 49 27.30 17.05 -13.64
C ALA B 49 28.66 16.34 -13.63
N LEU B 50 29.49 16.64 -14.63
CA LEU B 50 30.87 16.17 -14.67
C LEU B 50 31.74 16.97 -13.70
N VAL B 51 31.50 18.28 -13.66
CA VAL B 51 32.19 19.17 -12.73
C VAL B 51 31.23 19.60 -11.61
N SER B 52 31.63 19.28 -10.38
CA SER B 52 30.85 19.62 -9.18
C SER B 52 31.42 20.87 -8.51
N GLU B 53 30.57 21.59 -7.78
CA GLU B 53 31.05 22.70 -6.96
C GLU B 53 31.86 22.14 -5.78
N HIS B 54 32.92 22.85 -5.41
CA HIS B 54 33.81 22.42 -4.35
C HIS B 54 33.11 22.59 -2.99
N GLY B 55 33.22 21.56 -2.15
CA GLY B 55 32.60 21.58 -0.83
C GLY B 55 31.22 20.96 -0.77
N LYS B 56 30.66 20.64 -1.94
CA LYS B 56 29.32 20.03 -2.00
C LYS B 56 29.36 18.53 -1.84
N ARG B 57 28.32 17.99 -1.21
CA ARG B 57 28.22 16.56 -0.93
C ARG B 57 28.09 15.75 -2.22
N TYR B 58 28.77 14.61 -2.27
CA TYR B 58 28.64 13.67 -3.38
C TYR B 58 27.42 12.76 -3.17
N SER B 59 26.59 12.64 -4.19
CA SER B 59 25.31 11.92 -4.08
C SER B 59 25.38 10.44 -4.43
N GLY B 60 26.56 9.96 -4.83
CA GLY B 60 26.74 8.56 -5.23
C GLY B 60 26.14 7.58 -4.22
N LEU B 61 25.51 6.52 -4.74
CA LEU B 61 24.89 5.51 -3.88
C LEU B 61 25.94 4.84 -3.01
N ARG B 62 25.78 5.00 -1.69
CA ARG B 62 26.76 4.51 -0.73
C ARG B 62 26.43 3.07 -0.35
N LYS B 63 26.67 2.18 -1.32
CA LYS B 63 26.24 0.77 -1.24
C LYS B 63 26.84 0.02 -0.06
N GLN B 64 28.10 0.33 0.25
CA GLN B 64 28.79 -0.35 1.35
C GLN B 64 28.24 0.10 2.71
N GLU B 65 27.87 1.37 2.82
CA GLU B 65 27.20 1.87 4.03
C GLU B 65 25.84 1.19 4.22
N HIS B 66 25.09 1.02 3.14
CA HIS B 66 23.78 0.37 3.21
C HIS B 66 23.90 -1.13 3.50
N THR B 67 24.96 -1.76 2.99
CA THR B 67 25.25 -3.16 3.31
C THR B 67 25.53 -3.33 4.81
N GLN B 68 26.38 -2.47 5.36
CA GLN B 68 26.72 -2.49 6.79
C GLN B 68 25.51 -2.22 7.68
N PHE B 69 24.64 -1.30 7.24
CA PHE B 69 23.39 -1.01 7.95
C PHE B 69 22.51 -2.26 8.05
N LEU B 70 22.43 -3.00 6.94
CA LEU B 70 21.62 -4.21 6.89
C LEU B 70 22.26 -5.37 7.64
N ALA B 71 23.59 -5.39 7.70
CA ALA B 71 24.32 -6.42 8.43
C ALA B 71 24.04 -6.34 9.93
N SER B 72 24.11 -5.12 10.46
CA SER B 72 23.92 -4.85 11.89
C SER B 72 22.51 -5.24 12.32
N SER B 73 21.54 -4.88 11.50
CA SER B 73 20.14 -5.21 11.73
C SER B 73 19.85 -6.71 11.56
N PHE B 74 20.77 -7.41 10.89
CA PHE B 74 20.51 -8.78 10.43
C PHE B 74 20.80 -9.86 11.46
N PHE B 75 21.84 -9.68 12.27
CA PHE B 75 22.28 -10.71 13.23
C PHE B 75 21.85 -10.46 14.69
N GLN B 76 21.45 -9.24 14.99
CA GLN B 76 20.96 -8.87 16.31
C GLN B 76 20.25 -7.53 16.29
N LEU B 77 19.05 -7.47 16.85
CA LEU B 77 18.28 -6.23 16.92
C LEU B 77 18.07 -5.78 18.36
N PRO B 78 18.22 -4.47 18.61
CA PRO B 78 17.98 -3.87 19.94
C PRO B 78 16.55 -4.10 20.46
N GLY B 79 16.38 -3.95 21.76
CA GLY B 79 15.12 -4.24 22.44
C GLY B 79 13.90 -3.44 22.00
N LYS B 80 14.14 -2.27 21.41
CA LYS B 80 13.05 -1.41 20.92
C LYS B 80 12.40 -1.93 19.64
N PHE B 81 13.04 -2.88 18.96
CA PHE B 81 12.47 -3.55 17.80
C PHE B 81 11.32 -4.50 18.15
N VAL B 82 11.00 -4.58 19.44
CA VAL B 82 9.89 -5.40 19.93
C VAL B 82 8.58 -5.01 19.25
N SER B 83 8.48 -3.75 18.84
CA SER B 83 7.32 -3.24 18.11
C SER B 83 7.14 -3.93 16.75
N LEU B 84 8.19 -4.61 16.30
CA LEU B 84 8.17 -5.34 15.04
C LEU B 84 8.33 -6.86 15.25
N ASP B 85 8.03 -7.33 16.46
CA ASP B 85 8.12 -8.76 16.78
C ASP B 85 7.13 -9.61 15.98
N ALA B 86 6.03 -9.00 15.56
CA ALA B 86 5.04 -9.67 14.74
C ALA B 86 5.30 -9.48 13.25
N SER B 87 6.44 -8.85 12.93
CA SER B 87 6.82 -8.54 11.55
C SER B 87 8.20 -9.09 11.17
N ARG B 88 8.67 -10.10 11.90
CA ARG B 88 10.04 -10.60 11.67
C ARG B 88 10.34 -11.13 10.25
N PRO B 89 9.35 -11.76 9.57
CA PRO B 89 9.58 -12.13 8.17
C PRO B 89 9.73 -10.92 7.25
N TRP B 90 9.12 -9.79 7.60
CA TRP B 90 9.32 -8.55 6.84
C TRP B 90 10.75 -8.05 7.00
N LEU B 91 11.29 -8.16 8.21
CA LEU B 91 12.66 -7.77 8.48
C LEU B 91 13.63 -8.62 7.67
N VAL B 92 13.31 -9.91 7.52
CA VAL B 92 14.06 -10.82 6.66
C VAL B 92 13.96 -10.35 5.21
N PHE B 93 12.73 -10.18 4.71
CA PHE B 93 12.51 -9.79 3.32
C PHE B 93 13.17 -8.46 2.96
N TRP B 94 13.01 -7.46 3.83
CA TRP B 94 13.59 -6.14 3.58
C TRP B 94 15.11 -6.21 3.49
N THR B 95 15.70 -7.09 4.30
CA THR B 95 17.14 -7.30 4.31
C THR B 95 17.62 -8.05 3.08
N VAL B 96 17.06 -9.23 2.81
CA VAL B 96 17.55 -10.09 1.73
C VAL B 96 17.25 -9.56 0.32
N HIS B 97 16.12 -8.88 0.17
CA HIS B 97 15.80 -8.24 -1.11
C HIS B 97 16.70 -7.03 -1.39
N SER B 98 16.95 -6.23 -0.36
CA SER B 98 17.87 -5.10 -0.46
C SER B 98 19.28 -5.57 -0.83
N LEU B 99 19.74 -6.64 -0.20
CA LEU B 99 21.07 -7.18 -0.50
C LEU B 99 21.14 -7.67 -1.96
N ASP B 100 20.05 -8.30 -2.43
CA ASP B 100 19.94 -8.68 -3.83
C ASP B 100 20.06 -7.47 -4.76
N LEU B 101 19.32 -6.40 -4.46
CA LEU B 101 19.36 -5.19 -5.27
C LEU B 101 20.74 -4.51 -5.22
N LEU B 102 21.37 -4.52 -4.05
CA LEU B 102 22.70 -3.95 -3.87
C LEU B 102 23.81 -4.80 -4.49
N GLY B 103 23.45 -6.02 -4.89
CA GLY B 103 24.39 -6.94 -5.52
C GLY B 103 25.35 -7.61 -4.55
N VAL B 104 24.90 -7.81 -3.31
CA VAL B 104 25.71 -8.42 -2.25
C VAL B 104 25.21 -9.83 -1.96
N ALA B 105 26.09 -10.82 -2.10
CA ALA B 105 25.75 -12.22 -1.90
C ALA B 105 25.87 -12.63 -0.44
N LEU B 106 24.95 -13.49 0.00
CA LEU B 106 25.08 -14.19 1.27
C LEU B 106 25.79 -15.51 1.03
N ASP B 107 26.63 -15.93 1.97
CA ASP B 107 27.22 -17.27 1.91
C ASP B 107 26.16 -18.33 2.23
N GLN B 108 26.44 -19.58 1.88
CA GLN B 108 25.47 -20.67 2.04
C GLN B 108 25.02 -20.87 3.49
N GLY B 109 25.95 -20.72 4.43
CA GLY B 109 25.65 -20.85 5.86
C GLY B 109 24.63 -19.84 6.35
N THR B 110 24.79 -18.59 5.90
CA THR B 110 23.84 -17.52 6.22
C THR B 110 22.48 -17.74 5.55
N LYS B 111 22.51 -18.19 4.29
CA LYS B 111 21.28 -18.55 3.57
C LYS B 111 20.52 -19.66 4.30
N ASP B 112 21.25 -20.68 4.74
CA ASP B 112 20.67 -21.79 5.49
C ASP B 112 19.98 -21.33 6.77
N ARG B 113 20.60 -20.38 7.47
CA ARG B 113 20.02 -19.76 8.66
C ARG B 113 18.71 -19.02 8.34
N VAL B 114 18.69 -18.30 7.21
CA VAL B 114 17.48 -17.58 6.78
C VAL B 114 16.34 -18.55 6.54
N VAL B 115 16.64 -19.63 5.80
CA VAL B 115 15.66 -20.66 5.48
C VAL B 115 15.10 -21.33 6.74
N SER B 116 16.01 -21.74 7.63
CA SER B 116 15.64 -22.41 8.88
C SER B 116 14.79 -21.53 9.79
N THR B 117 15.12 -20.25 9.88
CA THR B 117 14.36 -19.31 10.71
C THR B 117 12.92 -19.22 10.21
N LEU B 118 12.77 -19.07 8.89
CA LEU B 118 11.46 -18.92 8.26
C LEU B 118 10.62 -20.19 8.37
N LEU B 119 11.24 -21.35 8.25
CA LEU B 119 10.53 -22.62 8.37
C LEU B 119 9.96 -22.83 9.76
N HIS B 120 10.56 -22.21 10.76
CA HIS B 120 10.04 -22.26 12.13
C HIS B 120 8.79 -21.39 12.30
N PHE B 121 8.54 -20.50 11.33
CA PHE B 121 7.36 -19.63 11.33
C PHE B 121 6.16 -20.28 10.62
N LEU B 122 6.39 -21.44 10.01
CA LEU B 122 5.36 -22.14 9.25
C LEU B 122 4.56 -23.10 10.12
N SER B 123 3.24 -22.90 10.18
CA SER B 123 2.36 -23.82 10.89
C SER B 123 1.96 -24.98 9.99
N PRO B 124 1.88 -26.21 10.56
CA PRO B 124 1.41 -27.40 9.85
C PRO B 124 0.00 -27.24 9.30
N LYS B 125 -0.85 -26.51 10.01
CA LYS B 125 -2.23 -26.24 9.59
C LYS B 125 -2.27 -25.30 8.37
N GLY B 126 -1.20 -24.55 8.16
CA GLY B 126 -1.06 -23.73 6.95
C GLY B 126 -0.69 -22.29 7.18
N GLY B 127 0.31 -21.81 6.45
CA GLY B 127 0.69 -20.39 6.45
C GLY B 127 1.82 -20.04 7.41
N PHE B 128 2.45 -18.89 7.15
CA PHE B 128 3.51 -18.37 8.02
C PHE B 128 2.95 -17.27 8.91
N GLY B 129 3.46 -17.19 10.14
CA GLY B 129 3.17 -16.05 11.02
C GLY B 129 4.34 -15.08 11.13
N GLY B 130 4.18 -14.05 11.97
CA GLY B 130 5.23 -13.04 12.16
C GLY B 130 6.36 -13.50 13.07
N GLY B 131 6.25 -14.72 13.57
CA GLY B 131 7.25 -15.33 14.42
C GLY B 131 7.06 -16.83 14.43
N PRO B 132 7.74 -17.54 15.35
CA PRO B 132 7.62 -19.00 15.45
C PRO B 132 6.17 -19.47 15.57
N ALA B 133 5.86 -20.61 14.94
CA ALA B 133 4.52 -21.18 14.95
C ALA B 133 3.99 -21.53 16.36
N ASN B 134 4.90 -21.67 17.33
CA ASN B 134 4.50 -21.90 18.72
C ASN B 134 4.17 -20.60 19.46
N SER B 135 4.31 -19.47 18.77
CA SER B 135 4.13 -18.15 19.37
C SER B 135 3.09 -17.29 18.64
N GLN B 136 2.98 -17.46 17.33
CA GLN B 136 2.13 -16.60 16.52
C GLN B 136 1.29 -17.39 15.53
N ILE B 137 0.07 -16.93 15.31
CA ILE B 137 -0.82 -17.55 14.32
C ILE B 137 -0.47 -17.09 12.90
N PRO B 138 -0.84 -17.88 11.87
CA PRO B 138 -0.54 -17.52 10.48
C PRO B 138 -1.22 -16.22 10.05
N HIS B 139 -0.57 -15.52 9.13
CA HIS B 139 -1.01 -14.20 8.68
C HIS B 139 -0.61 -14.06 7.22
N LEU B 140 -1.49 -13.49 6.40
CA LEU B 140 -1.26 -13.38 4.95
C LEU B 140 0.00 -12.59 4.59
N LEU B 141 0.31 -11.56 5.36
CA LEU B 141 1.44 -10.68 5.07
C LEU B 141 2.82 -11.31 5.35
N PRO B 142 3.03 -11.89 6.56
CA PRO B 142 4.23 -12.70 6.77
C PRO B 142 4.35 -13.89 5.81
N THR B 143 3.22 -14.43 5.35
CA THR B 143 3.23 -15.51 4.36
C THR B 143 3.85 -15.03 3.04
N TYR B 144 3.44 -13.87 2.53
CA TYR B 144 4.10 -13.25 1.38
C TYR B 144 5.59 -13.02 1.65
N ALA B 145 5.90 -12.36 2.76
CA ALA B 145 7.28 -12.00 3.08
C ALA B 145 8.20 -13.22 3.22
N SER B 146 7.70 -14.28 3.85
CA SER B 146 8.46 -15.52 4.02
C SER B 146 8.69 -16.25 2.71
N VAL B 147 7.63 -16.37 1.90
CA VAL B 147 7.70 -17.02 0.59
C VAL B 147 8.71 -16.33 -0.35
N CYS B 148 8.63 -15.00 -0.43
CA CYS B 148 9.59 -14.24 -1.25
C CYS B 148 11.02 -14.38 -0.73
N SER B 149 11.18 -14.32 0.59
CA SER B 149 12.49 -14.50 1.23
C SER B 149 13.07 -15.88 0.94
N LEU B 150 12.21 -16.90 0.88
CA LEU B 150 12.65 -18.24 0.52
C LEU B 150 13.07 -18.31 -0.96
N ALA B 151 12.39 -17.54 -1.81
CA ALA B 151 12.77 -17.40 -3.21
C ALA B 151 14.16 -16.78 -3.36
N ILE B 152 14.48 -15.86 -2.46
CA ILE B 152 15.75 -15.13 -2.49
C ILE B 152 16.91 -15.92 -1.87
N ALA B 153 16.65 -16.59 -0.75
CA ALA B 153 17.73 -17.21 0.03
C ALA B 153 17.76 -18.74 -0.06
N GLY B 154 16.69 -19.34 -0.57
CA GLY B 154 16.56 -20.80 -0.60
C GLY B 154 16.98 -21.46 -1.89
N ASN B 155 16.75 -22.78 -1.96
CA ASN B 155 17.13 -23.61 -3.12
C ASN B 155 16.37 -24.94 -3.13
N ASP B 156 16.69 -25.81 -4.09
CA ASP B 156 15.95 -27.07 -4.27
C ASP B 156 16.52 -28.28 -3.51
N SER B 157 17.59 -28.08 -2.74
CA SER B 157 18.17 -29.17 -1.94
C SER B 157 17.29 -29.48 -0.71
N SER B 158 17.67 -30.51 0.04
CA SER B 158 16.92 -30.93 1.23
C SER B 158 16.94 -29.89 2.36
N THR B 159 17.91 -28.98 2.32
CA THR B 159 18.03 -27.92 3.32
C THR B 159 17.66 -26.55 2.74
N GLY B 160 17.17 -26.54 1.50
CA GLY B 160 16.89 -25.30 0.78
C GLY B 160 15.52 -24.66 1.02
N GLY B 161 14.62 -25.38 1.66
CA GLY B 161 13.32 -24.82 2.05
C GLY B 161 12.21 -24.87 1.02
N TRP B 162 12.55 -24.93 -0.27
CA TRP B 162 11.54 -25.02 -1.33
C TRP B 162 10.75 -26.32 -1.26
N LYS B 163 11.45 -27.40 -0.90
CA LYS B 163 10.87 -28.72 -0.67
C LYS B 163 9.74 -28.64 0.36
N ASP B 164 10.00 -27.93 1.46
CA ASP B 164 9.04 -27.75 2.54
C ASP B 164 7.81 -26.94 2.11
N LEU B 165 8.03 -25.91 1.29
CA LEU B 165 6.93 -25.12 0.74
C LEU B 165 6.02 -25.96 -0.17
N ALA B 166 6.64 -26.78 -1.03
CA ALA B 166 5.89 -27.68 -1.91
C ALA B 166 4.98 -28.61 -1.12
N ALA B 167 5.52 -29.17 -0.02
CA ALA B 167 4.74 -30.06 0.84
C ALA B 167 3.62 -29.32 1.56
N ALA B 168 3.83 -28.03 1.80
CA ALA B 168 2.87 -27.21 2.53
C ALA B 168 1.77 -26.58 1.65
N ARG B 169 1.78 -26.89 0.36
CA ARG B 169 0.86 -26.27 -0.61
C ARG B 169 -0.63 -26.43 -0.25
N GLN B 170 -1.03 -27.65 0.10
CA GLN B 170 -2.42 -27.94 0.46
C GLN B 170 -2.84 -27.20 1.74
N SER B 171 -1.98 -27.21 2.75
CA SER B 171 -2.27 -26.54 4.03
C SER B 171 -2.33 -25.01 3.88
N ILE B 172 -1.41 -24.46 3.10
CA ILE B 172 -1.42 -23.02 2.79
C ILE B 172 -2.73 -22.64 2.08
N TYR B 173 -3.10 -23.44 1.09
CA TYR B 173 -4.35 -23.26 0.36
C TYR B 173 -5.55 -23.29 1.31
N GLU B 174 -5.54 -24.21 2.26
CA GLU B 174 -6.61 -24.34 3.25
C GLU B 174 -6.67 -23.14 4.20
N PHE B 175 -5.51 -22.60 4.54
CA PHE B 175 -5.44 -21.36 5.32
C PHE B 175 -6.02 -20.19 4.52
N PHE B 176 -5.68 -20.12 3.23
CA PHE B 176 -6.21 -19.10 2.34
C PHE B 176 -7.75 -19.16 2.29
N MET B 177 -8.29 -20.38 2.17
CA MET B 177 -9.75 -20.59 2.14
C MET B 177 -10.45 -20.24 3.46
N ARG B 178 -9.79 -20.49 4.59
CA ARG B 178 -10.33 -20.09 5.90
C ARG B 178 -10.38 -18.57 6.02
N CYS B 179 -9.45 -17.88 5.35
CA CYS B 179 -9.41 -16.42 5.33
C CYS B 179 -10.47 -15.82 4.42
N LYS B 180 -11.02 -16.62 3.51
CA LYS B 180 -11.90 -16.12 2.48
C LYS B 180 -13.27 -15.67 2.99
N ARG B 181 -13.66 -14.47 2.58
CA ARG B 181 -14.97 -13.91 2.88
C ARG B 181 -15.80 -13.95 1.58
N PRO B 182 -17.13 -14.14 1.70
CA PRO B 182 -18.00 -14.27 0.53
C PRO B 182 -18.01 -13.08 -0.44
N ASP B 183 -17.73 -11.87 0.05
CA ASP B 183 -17.74 -10.67 -0.80
C ASP B 183 -16.49 -10.52 -1.68
N GLY B 184 -15.48 -11.37 -1.46
CA GLY B 184 -14.25 -11.31 -2.25
C GLY B 184 -13.04 -10.82 -1.46
N GLY B 185 -13.26 -10.38 -0.23
CA GLY B 185 -12.16 -9.98 0.65
C GLY B 185 -11.60 -11.17 1.41
N PHE B 186 -10.44 -10.97 2.02
CA PHE B 186 -9.84 -11.98 2.90
C PHE B 186 -9.45 -11.34 4.21
N VAL B 187 -9.67 -12.03 5.33
CA VAL B 187 -9.08 -11.60 6.60
C VAL B 187 -7.58 -11.86 6.54
N VAL B 188 -6.78 -10.97 7.14
CA VAL B 188 -5.31 -11.13 7.13
C VAL B 188 -4.88 -12.33 7.98
N CYS B 189 -5.68 -12.63 9.00
CA CYS B 189 -5.46 -13.77 9.90
C CYS B 189 -6.79 -14.07 10.54
N GLU B 190 -6.89 -15.18 11.27
CA GLU B 190 -8.12 -15.50 12.00
C GLU B 190 -8.56 -14.31 12.84
N GLY B 191 -9.81 -13.87 12.63
CA GLY B 191 -10.38 -12.72 13.32
C GLY B 191 -9.80 -11.37 12.93
N GLY B 192 -9.05 -11.33 11.82
CA GLY B 192 -8.31 -10.12 11.43
C GLY B 192 -8.98 -9.19 10.42
N GLU B 193 -8.32 -8.07 10.14
CA GLU B 193 -8.87 -7.04 9.25
C GLU B 193 -8.89 -7.48 7.79
N VAL B 194 -9.81 -6.91 7.01
CA VAL B 194 -9.98 -7.22 5.59
C VAL B 194 -9.62 -6.01 4.71
N ASP B 195 -8.54 -6.14 3.93
CA ASP B 195 -8.16 -5.11 2.97
C ASP B 195 -7.31 -5.68 1.83
N VAL B 196 -6.91 -4.82 0.89
CA VAL B 196 -6.21 -5.26 -0.31
C VAL B 196 -4.77 -5.75 -0.08
N ARG B 197 -4.19 -5.44 1.07
CA ARG B 197 -2.87 -5.99 1.45
C ARG B 197 -2.99 -7.51 1.53
N GLY B 198 -4.08 -7.97 2.14
CA GLY B 198 -4.36 -9.40 2.25
C GLY B 198 -4.52 -10.05 0.90
N THR B 199 -5.34 -9.43 0.05
CA THR B 199 -5.57 -9.89 -1.33
C THR B 199 -4.25 -9.95 -2.11
N TYR B 200 -3.45 -8.89 -2.03
CA TYR B 200 -2.18 -8.85 -2.74
C TYR B 200 -1.25 -9.99 -2.32
N CYS B 201 -1.04 -10.12 -1.01
CA CYS B 201 -0.10 -11.10 -0.47
C CYS B 201 -0.53 -12.53 -0.78
N LEU B 202 -1.84 -12.77 -0.74
CA LEU B 202 -2.41 -14.07 -1.03
C LEU B 202 -2.24 -14.44 -2.50
N LEU B 203 -2.55 -13.51 -3.40
CA LEU B 203 -2.50 -13.76 -4.84
C LEU B 203 -1.08 -14.01 -5.34
N VAL B 204 -0.11 -13.28 -4.79
CA VAL B 204 1.31 -13.50 -5.09
C VAL B 204 1.71 -14.93 -4.76
N VAL B 205 1.42 -15.35 -3.53
CA VAL B 205 1.79 -16.69 -3.05
C VAL B 205 1.06 -17.79 -3.84
N ALA B 206 -0.24 -17.58 -4.09
CA ALA B 206 -1.04 -18.57 -4.81
C ALA B 206 -0.57 -18.75 -6.25
N THR B 207 -0.17 -17.65 -6.88
CA THR B 207 0.44 -17.64 -8.21
C THR B 207 1.74 -18.44 -8.24
N LEU B 208 2.67 -18.08 -7.34
CA LEU B 208 3.99 -18.70 -7.31
C LEU B 208 3.96 -20.20 -6.97
N LEU B 209 3.00 -20.61 -6.16
CA LEU B 209 2.96 -21.98 -5.65
C LEU B 209 2.00 -22.91 -6.37
N ASP B 210 1.33 -22.41 -7.43
CA ASP B 210 0.36 -23.19 -8.21
C ASP B 210 -0.76 -23.69 -7.30
N ILE B 211 -1.41 -22.77 -6.59
CA ILE B 211 -2.55 -23.14 -5.73
C ILE B 211 -3.79 -22.26 -5.97
N ILE B 212 -3.92 -21.76 -7.21
CA ILE B 212 -5.07 -20.97 -7.63
C ILE B 212 -6.21 -21.89 -8.10
N THR B 213 -7.40 -21.65 -7.58
CA THR B 213 -8.63 -22.34 -8.00
C THR B 213 -9.75 -21.31 -8.22
N PRO B 214 -10.83 -21.72 -8.92
CA PRO B 214 -12.02 -20.86 -9.05
C PRO B 214 -12.64 -20.46 -7.69
N GLU B 215 -12.76 -21.40 -6.75
CA GLU B 215 -13.38 -21.08 -5.47
C GLU B 215 -12.56 -20.09 -4.65
N LEU B 216 -11.24 -20.08 -4.87
CA LEU B 216 -10.36 -19.11 -4.22
C LEU B 216 -10.61 -17.70 -4.74
N LEU B 217 -10.91 -17.60 -6.03
CA LEU B 217 -10.96 -16.31 -6.70
C LEU B 217 -12.33 -15.65 -6.81
N HIS B 218 -13.38 -16.38 -6.42
CA HIS B 218 -14.74 -15.86 -6.56
C HIS B 218 -14.91 -14.52 -5.83
N ASN B 219 -15.40 -13.52 -6.56
CA ASN B 219 -15.62 -12.16 -6.05
C ASN B 219 -14.37 -11.35 -5.73
N VAL B 220 -13.20 -11.98 -5.73
CA VAL B 220 -11.94 -11.33 -5.38
C VAL B 220 -11.70 -10.08 -6.27
N ASP B 221 -11.95 -10.24 -7.57
CA ASP B 221 -11.87 -9.14 -8.54
C ASP B 221 -12.83 -7.99 -8.23
N LYS B 222 -14.05 -8.33 -7.82
CA LYS B 222 -15.08 -7.32 -7.50
C LYS B 222 -14.74 -6.49 -6.27
N PHE B 223 -14.20 -7.14 -5.24
CA PHE B 223 -13.76 -6.46 -4.03
C PHE B 223 -12.69 -5.40 -4.36
N VAL B 224 -11.73 -5.80 -5.18
CA VAL B 224 -10.63 -4.90 -5.58
C VAL B 224 -11.14 -3.74 -6.45
N SER B 225 -11.93 -4.06 -7.49
CA SER B 225 -12.45 -3.02 -8.39
C SER B 225 -13.18 -1.88 -7.64
N ALA B 226 -13.98 -2.25 -6.65
CA ALA B 226 -14.75 -1.27 -5.88
C ALA B 226 -13.91 -0.49 -4.86
N CYS B 227 -12.63 -0.83 -4.74
CA CYS B 227 -11.70 -0.04 -3.94
C CYS B 227 -11.24 1.25 -4.64
N GLN B 228 -11.48 1.34 -5.96
CA GLN B 228 -11.06 2.52 -6.72
C GLN B 228 -11.93 3.73 -6.37
N THR B 229 -11.27 4.85 -6.07
CA THR B 229 -11.96 6.08 -5.67
C THR B 229 -12.08 7.04 -6.87
N TYR B 230 -12.79 8.14 -6.65
CA TYR B 230 -12.95 9.20 -7.64
C TYR B 230 -11.62 9.85 -8.03
N GLU B 231 -10.61 9.67 -7.18
CA GLU B 231 -9.26 10.18 -7.47
C GLU B 231 -8.48 9.30 -8.45
N GLY B 232 -8.92 8.05 -8.63
CA GLY B 232 -8.29 7.14 -9.58
C GLY B 232 -7.39 6.10 -8.95
N GLY B 233 -6.93 6.35 -7.73
CA GLY B 233 -6.19 5.36 -6.94
C GLY B 233 -7.17 4.48 -6.18
N PHE B 234 -6.62 3.61 -5.32
CA PHE B 234 -7.44 2.64 -4.59
C PHE B 234 -7.33 2.78 -3.08
N ALA B 235 -8.45 2.60 -2.40
CA ALA B 235 -8.50 2.61 -0.95
C ALA B 235 -8.21 1.23 -0.38
N CYS B 236 -8.17 1.12 0.95
CA CYS B 236 -7.87 -0.14 1.64
C CYS B 236 -8.87 -1.25 1.32
N ALA B 237 -10.16 -0.90 1.27
CA ALA B 237 -11.22 -1.88 1.20
C ALA B 237 -12.51 -1.31 0.62
N SER B 238 -13.40 -2.22 0.21
CA SER B 238 -14.74 -1.85 -0.20
C SER B 238 -15.76 -2.56 0.70
N PHE B 239 -16.86 -1.87 0.98
CA PHE B 239 -17.92 -2.42 1.82
C PHE B 239 -19.06 -2.96 0.95
N PRO B 240 -19.47 -4.21 1.22
CA PRO B 240 -20.59 -4.82 0.49
C PRO B 240 -21.94 -4.54 1.17
N PHE B 241 -22.78 -3.76 0.52
CA PHE B 241 -24.14 -3.54 1.01
C PHE B 241 -25.02 -4.69 0.53
N PRO B 242 -25.68 -5.35 1.48
CA PRO B 242 -26.49 -6.53 1.18
C PRO B 242 -27.66 -6.18 0.25
N GLU B 255 -24.06 -10.63 -5.58
CA GLU B 255 -24.77 -10.88 -4.32
C GLU B 255 -25.00 -9.63 -3.48
N PRO B 256 -23.98 -8.77 -3.32
CA PRO B 256 -24.29 -7.48 -2.70
C PRO B 256 -25.03 -6.58 -3.68
N SER B 257 -25.88 -5.70 -3.16
CA SER B 257 -26.56 -4.70 -3.99
C SER B 257 -25.56 -3.74 -4.63
N CYS B 258 -24.58 -3.30 -3.84
CA CYS B 258 -23.48 -2.47 -4.34
C CYS B 258 -22.25 -2.57 -3.43
N ARG B 259 -21.13 -2.05 -3.92
CA ARG B 259 -19.89 -2.00 -3.15
C ARG B 259 -19.35 -0.58 -3.16
N VAL B 260 -18.95 -0.10 -1.98
CA VAL B 260 -18.49 1.29 -1.81
C VAL B 260 -17.10 1.32 -1.18
N SER B 261 -16.21 2.14 -1.73
CA SER B 261 -14.83 2.27 -1.21
C SER B 261 -14.79 2.96 0.16
N MET B 262 -13.87 2.51 1.01
CA MET B 262 -13.91 2.81 2.46
C MET B 262 -13.01 3.94 2.97
N ALA B 263 -12.15 4.49 2.12
CA ALA B 263 -11.28 5.61 2.51
C ALA B 263 -10.56 6.17 1.29
N GLU B 264 -9.49 6.92 1.51
CA GLU B 264 -8.75 7.58 0.44
C GLU B 264 -7.96 6.63 -0.42
N ALA B 265 -7.75 7.02 -1.68
CA ALA B 265 -6.72 6.46 -2.52
C ALA B 265 -5.37 6.63 -1.83
N HIS B 266 -4.65 5.53 -1.65
CA HIS B 266 -3.33 5.55 -1.03
C HIS B 266 -2.35 4.71 -1.84
N GLY B 267 -1.10 5.16 -1.91
CA GLY B 267 -0.02 4.43 -2.59
C GLY B 267 0.14 2.97 -2.19
N GLY B 268 0.05 2.70 -0.89
CA GLY B 268 0.13 1.33 -0.38
C GLY B 268 -0.98 0.45 -0.93
N TYR B 269 -2.21 0.98 -0.90
CA TYR B 269 -3.37 0.20 -1.34
C TYR B 269 -3.56 0.21 -2.86
N THR B 270 -3.08 1.26 -3.53
CA THR B 270 -3.08 1.33 -4.98
C THR B 270 -2.07 0.34 -5.58
N SER B 271 -0.88 0.26 -4.98
CA SER B 271 0.10 -0.76 -5.34
C SER B 271 -0.51 -2.16 -5.21
N CYS B 272 -1.10 -2.44 -4.05
CA CYS B 272 -1.70 -3.75 -3.80
C CYS B 272 -2.86 -4.06 -4.75
N SER B 273 -3.69 -3.06 -5.04
CA SER B 273 -4.86 -3.25 -5.91
C SER B 273 -4.48 -3.46 -7.39
N LEU B 274 -3.57 -2.63 -7.90
CA LEU B 274 -3.09 -2.77 -9.28
C LEU B 274 -2.38 -4.11 -9.49
N ASN B 275 -1.55 -4.50 -8.52
CA ASN B 275 -0.82 -5.76 -8.60
C ASN B 275 -1.78 -6.94 -8.53
N SER B 276 -2.75 -6.86 -7.62
CA SER B 276 -3.79 -7.89 -7.49
C SER B 276 -4.57 -8.05 -8.79
N HIS B 277 -5.13 -6.94 -9.28
CA HIS B 277 -5.87 -6.95 -10.53
C HIS B 277 -5.03 -7.53 -11.67
N PHE B 278 -3.77 -7.09 -11.76
CA PHE B 278 -2.87 -7.57 -12.81
C PHE B 278 -2.70 -9.09 -12.76
N LEU B 279 -2.49 -9.63 -11.55
CA LEU B 279 -2.35 -11.09 -11.37
C LEU B 279 -3.61 -11.84 -11.80
N LEU B 280 -4.76 -11.21 -11.61
CA LEU B 280 -6.05 -11.82 -11.97
C LEU B 280 -6.32 -11.84 -13.48
N THR B 281 -5.68 -10.95 -14.23
CA THR B 281 -5.91 -10.84 -15.68
C THR B 281 -5.40 -12.07 -16.45
N SER B 282 -4.52 -12.85 -15.82
CA SER B 282 -4.02 -14.07 -16.47
C SER B 282 -4.84 -15.32 -16.13
N VAL B 283 -5.88 -15.16 -15.31
CA VAL B 283 -6.75 -16.28 -14.93
C VAL B 283 -7.88 -16.43 -15.96
N PRO B 284 -7.98 -17.61 -16.60
CA PRO B 284 -9.00 -17.84 -17.63
C PRO B 284 -10.38 -18.20 -17.06
N LEU B 285 -10.99 -17.25 -16.34
CA LEU B 285 -12.38 -17.38 -15.91
C LEU B 285 -13.25 -16.47 -16.78
N PRO B 286 -14.55 -16.80 -16.93
CA PRO B 286 -15.46 -15.98 -17.74
C PRO B 286 -15.77 -14.62 -17.10
N SER B 287 -15.74 -13.56 -17.91
CA SER B 287 -16.01 -12.19 -17.47
C SER B 287 -15.20 -11.81 -16.23
N PHE B 288 -13.91 -12.12 -16.27
CA PHE B 288 -13.04 -12.05 -15.10
C PHE B 288 -11.62 -11.68 -15.54
N PRO B 289 -10.96 -10.75 -14.81
CA PRO B 289 -11.47 -10.01 -13.65
C PRO B 289 -12.31 -8.80 -14.06
N LEU B 290 -13.26 -8.41 -13.20
CA LEU B 290 -14.02 -7.17 -13.41
C LEU B 290 -13.03 -6.03 -13.63
N SER B 291 -13.29 -5.22 -14.65
CA SER B 291 -12.35 -4.18 -15.04
C SER B 291 -12.17 -3.09 -13.99
N ILE B 292 -11.01 -2.45 -14.02
CA ILE B 292 -10.76 -1.22 -13.29
C ILE B 292 -10.59 -0.10 -14.31
N ASP B 293 -10.60 1.15 -13.84
CA ASP B 293 -10.36 2.30 -14.69
C ASP B 293 -8.86 2.57 -14.73
N ALA B 294 -8.19 2.00 -15.72
CA ALA B 294 -6.74 2.04 -15.80
C ALA B 294 -6.18 3.44 -16.03
N ASN B 295 -6.84 4.21 -16.89
CA ASN B 295 -6.42 5.60 -17.17
C ASN B 295 -6.43 6.49 -15.92
N ALA B 296 -7.47 6.36 -15.11
CA ALA B 296 -7.59 7.08 -13.85
C ALA B 296 -6.52 6.69 -12.82
N ALA B 297 -6.15 5.41 -12.81
CA ALA B 297 -5.11 4.91 -11.92
C ALA B 297 -3.74 5.42 -12.34
N LEU B 298 -3.51 5.48 -13.65
CA LEU B 298 -2.29 6.05 -14.20
C LEU B 298 -2.21 7.54 -13.88
N ARG B 299 -3.33 8.24 -14.05
CA ARG B 299 -3.42 9.67 -13.74
C ARG B 299 -3.08 9.93 -12.27
N TRP B 300 -3.71 9.17 -11.38
CA TRP B 300 -3.44 9.30 -9.94
C TRP B 300 -1.97 9.03 -9.66
N THR B 301 -1.44 7.95 -10.25
CA THR B 301 -0.03 7.57 -10.08
C THR B 301 0.93 8.72 -10.39
N VAL B 302 0.82 9.30 -11.59
CA VAL B 302 1.73 10.37 -12.03
C VAL B 302 1.55 11.67 -11.23
N LEU B 303 0.33 11.91 -10.74
CA LEU B 303 0.04 13.11 -9.96
C LEU B 303 0.68 13.09 -8.57
N GLN B 304 1.06 11.90 -8.10
CA GLN B 304 1.71 11.78 -6.79
C GLN B 304 3.22 12.01 -6.82
N GLN B 305 3.80 12.29 -8.00
CA GLN B 305 5.21 12.64 -8.03
C GLN B 305 5.42 14.08 -7.60
N GLY B 306 6.24 14.27 -6.58
CA GLY B 306 6.47 15.58 -5.99
C GLY B 306 7.13 16.57 -6.93
N GLU B 307 7.00 17.85 -6.59
CA GLU B 307 7.58 18.94 -7.37
C GLU B 307 9.10 18.98 -7.21
N PRO B 308 9.81 19.72 -8.08
CA PRO B 308 11.26 19.89 -7.95
C PRO B 308 11.71 20.32 -6.54
N ILE B 309 11.01 21.27 -5.93
CA ILE B 309 11.35 21.74 -4.57
C ILE B 309 11.32 20.62 -3.50
N GLU B 310 10.52 19.59 -3.74
CA GLU B 310 10.44 18.45 -2.82
C GLU B 310 11.16 17.21 -3.40
N GLY B 311 12.02 17.45 -4.38
CA GLY B 311 12.97 16.45 -4.87
C GLY B 311 12.46 15.44 -5.88
N GLY B 312 11.19 15.54 -6.25
CA GLY B 312 10.59 14.60 -7.20
C GLY B 312 10.34 13.21 -6.63
N GLY B 313 10.28 13.09 -5.31
CA GLY B 313 9.86 11.85 -4.66
C GLY B 313 8.34 11.74 -4.71
N PHE B 314 7.82 10.54 -4.48
CA PHE B 314 6.37 10.32 -4.48
C PHE B 314 5.77 10.51 -3.09
N ARG B 315 4.57 11.10 -3.05
CA ARG B 315 3.75 11.08 -1.84
C ARG B 315 2.78 9.91 -1.94
N GLY B 316 2.17 9.55 -0.81
CA GLY B 316 1.24 8.42 -0.77
C GLY B 316 -0.22 8.77 -0.93
N ARG B 317 -0.57 10.04 -0.70
CA ARG B 317 -1.94 10.54 -0.79
C ARG B 317 -1.92 12.02 -1.14
N THR B 318 -2.97 12.48 -1.83
CA THR B 318 -3.15 13.90 -2.15
C THR B 318 -3.02 14.79 -0.89
N ASN B 319 -2.22 15.84 -1.01
CA ASN B 319 -2.01 16.83 0.07
C ASN B 319 -1.30 16.29 1.32
N LYS B 320 -0.65 15.14 1.20
CA LYS B 320 0.27 14.67 2.23
C LYS B 320 1.73 14.85 1.74
N LEU B 321 2.68 14.23 2.42
CA LEU B 321 4.10 14.50 2.19
C LEU B 321 4.80 13.42 1.37
N VAL B 322 5.81 13.83 0.59
CA VAL B 322 6.63 12.90 -0.15
C VAL B 322 7.41 12.00 0.82
N ASP B 323 7.71 10.79 0.38
CA ASP B 323 8.30 9.77 1.24
C ASP B 323 8.97 8.70 0.37
N GLY B 324 10.24 8.43 0.64
CA GLY B 324 11.02 7.44 -0.11
C GLY B 324 10.41 6.07 -0.33
N CYS B 325 9.60 5.59 0.62
CA CYS B 325 9.00 4.25 0.47
C CYS B 325 7.99 4.21 -0.69
N TYR B 326 7.38 5.36 -0.99
CA TYR B 326 6.43 5.45 -2.11
C TYR B 326 7.09 5.37 -3.49
N SER B 327 8.42 5.43 -3.53
CA SER B 327 9.14 5.10 -4.77
C SER B 327 8.79 3.69 -5.23
N TRP B 328 8.68 2.75 -4.29
CA TRP B 328 8.18 1.43 -4.65
C TRP B 328 6.65 1.38 -4.78
N TRP B 329 5.92 1.83 -3.77
CA TRP B 329 4.46 1.69 -3.78
C TRP B 329 3.78 2.40 -4.95
N VAL B 330 4.20 3.63 -5.22
CA VAL B 330 3.59 4.41 -6.32
C VAL B 330 4.37 4.21 -7.62
N GLY B 331 5.68 4.39 -7.55
CA GLY B 331 6.56 4.23 -8.72
C GLY B 331 6.51 2.85 -9.34
N GLY B 332 6.53 1.82 -8.50
CA GLY B 332 6.49 0.42 -8.95
C GLY B 332 5.13 0.00 -9.48
N GLY B 333 4.11 0.81 -9.20
CA GLY B 333 2.77 0.60 -9.75
C GLY B 333 2.62 1.19 -11.14
N ALA B 334 3.50 2.13 -11.49
CA ALA B 334 3.47 2.79 -12.80
C ALA B 334 3.51 1.82 -14.01
N PRO B 335 4.49 0.89 -14.04
CA PRO B 335 4.53 -0.06 -15.18
C PRO B 335 3.26 -0.90 -15.29
N VAL B 336 2.65 -1.22 -14.15
CA VAL B 336 1.42 -2.02 -14.10
C VAL B 336 0.25 -1.24 -14.71
N ALA B 337 0.05 -0.01 -14.24
CA ALA B 337 -1.00 0.86 -14.76
C ALA B 337 -0.79 1.16 -16.25
N GLU B 338 0.47 1.38 -16.63
CA GLU B 338 0.85 1.60 -18.03
C GLU B 338 0.46 0.43 -18.95
N GLU B 339 0.69 -0.80 -18.49
CA GLU B 339 0.35 -2.00 -19.26
C GLU B 339 -1.16 -2.17 -19.40
N LEU B 340 -1.88 -1.97 -18.29
CA LEU B 340 -3.34 -1.97 -18.28
C LEU B 340 -3.92 -0.91 -19.25
N VAL B 341 -3.32 0.28 -19.25
CA VAL B 341 -3.70 1.34 -20.19
C VAL B 341 -3.42 0.91 -21.64
N ARG B 342 -2.26 0.30 -21.87
CA ARG B 342 -1.88 -0.18 -23.19
C ARG B 342 -2.88 -1.20 -23.73
N ARG B 343 -3.29 -2.14 -22.88
CA ARG B 343 -4.26 -3.19 -23.24
C ARG B 343 -5.65 -2.63 -23.55
N GLU B 344 -6.04 -1.61 -22.78
CA GLU B 344 -7.34 -0.97 -22.95
C GLU B 344 -7.44 -0.26 -24.29
N LYS B 345 -6.35 0.38 -24.71
CA LYS B 345 -6.29 1.08 -25.99
C LYS B 345 -6.22 0.10 -27.16
N SER B 346 -5.58 -1.06 -26.95
CA SER B 346 -5.52 -2.12 -27.94
C SER B 346 -6.89 -2.76 -28.14
N ARG B 347 -7.68 -2.78 -27.07
CA ARG B 347 -9.03 -3.35 -27.07
C ARG B 347 -10.00 -2.52 -27.92
N LYS B 348 -9.68 -1.25 -28.12
CA LYS B 348 -10.44 -0.37 -29.01
C LYS B 348 -9.94 -0.50 -30.45
N VAL B 349 -8.62 -0.40 -30.62
CA VAL B 349 -7.98 -0.49 -31.93
C VAL B 349 -7.62 -1.94 -32.25
N ILE B 371 8.22 6.26 -27.45
CA ILE B 371 7.36 6.48 -26.29
C ILE B 371 8.16 6.98 -25.06
N PRO B 372 7.83 8.19 -24.58
CA PRO B 372 8.50 8.77 -23.42
C PRO B 372 8.09 8.08 -22.12
N PRO B 373 8.94 8.17 -21.08
CA PRO B 373 8.61 7.64 -19.75
C PRO B 373 7.33 8.25 -19.21
N ILE B 374 6.58 7.49 -18.42
CA ILE B 374 5.30 7.95 -17.93
C ILE B 374 5.41 8.77 -16.63
N PHE B 375 6.48 8.55 -15.88
CA PHE B 375 6.84 9.41 -14.76
C PHE B 375 8.30 9.85 -14.90
N ASN B 376 8.70 10.83 -14.09
CA ASN B 376 10.06 11.35 -14.15
C ASN B 376 11.06 10.40 -13.50
N ARG B 377 11.57 9.48 -14.31
CA ARG B 377 12.54 8.46 -13.89
C ARG B 377 13.84 9.07 -13.38
N VAL B 378 14.21 10.24 -13.93
CA VAL B 378 15.43 10.95 -13.51
C VAL B 378 15.27 11.56 -12.12
N ALA B 379 14.19 12.32 -11.92
CA ALA B 379 13.91 12.98 -10.64
C ALA B 379 13.78 12.00 -9.47
N LEU B 380 13.16 10.84 -9.71
CA LEU B 380 12.96 9.86 -8.65
C LEU B 380 14.30 9.31 -8.14
N GLN B 381 15.22 9.05 -9.08
CA GLN B 381 16.58 8.65 -8.73
C GLN B 381 17.29 9.75 -7.93
N GLU B 382 17.10 11.00 -8.35
CA GLU B 382 17.68 12.13 -7.64
C GLU B 382 17.17 12.22 -6.20
N PHE B 383 15.87 12.01 -5.99
CA PHE B 383 15.32 11.97 -4.63
C PHE B 383 16.01 10.87 -3.80
N THR B 384 16.16 9.69 -4.41
CA THR B 384 16.78 8.55 -3.77
C THR B 384 18.22 8.85 -3.35
N LEU B 385 19.02 9.35 -4.29
CA LEU B 385 20.45 9.59 -4.08
C LEU B 385 20.73 10.78 -3.15
N VAL B 386 20.01 11.88 -3.36
CA VAL B 386 20.25 13.13 -2.63
C VAL B 386 19.54 13.18 -1.28
N ALA B 387 18.26 12.80 -1.25
CA ALA B 387 17.42 13.00 -0.07
C ALA B 387 17.18 11.74 0.79
N ALA B 388 17.10 10.58 0.14
CA ALA B 388 16.69 9.34 0.82
C ALA B 388 17.82 8.55 1.48
N GLN B 389 19.06 8.81 1.08
CA GLN B 389 20.21 8.18 1.74
C GLN B 389 20.50 8.85 3.07
N GLN B 390 20.91 8.05 4.05
CA GLN B 390 21.47 8.57 5.29
C GLN B 390 22.70 9.40 4.97
N ASP B 391 22.93 10.46 5.75
CA ASP B 391 24.13 11.29 5.62
C ASP B 391 25.37 10.39 5.61
N PRO B 392 26.36 10.72 4.76
CA PRO B 392 27.56 9.89 4.61
C PRO B 392 28.35 9.76 5.91
N GLY B 393 29.10 8.66 6.05
CA GLY B 393 29.96 8.43 7.20
C GLY B 393 29.23 8.12 8.50
N SER B 394 27.96 7.74 8.38
CA SER B 394 27.13 7.44 9.55
C SER B 394 26.70 5.97 9.55
N THR B 395 25.47 5.70 9.98
CA THR B 395 24.94 4.34 10.11
C THR B 395 24.60 3.66 8.77
N GLY B 396 24.44 4.46 7.72
CA GLY B 396 23.95 3.96 6.44
C GLY B 396 22.46 3.69 6.46
N GLY B 397 21.95 3.07 5.40
CA GLY B 397 20.52 2.81 5.25
C GLY B 397 19.83 3.94 4.50
N LEU B 398 18.59 3.70 4.09
CA LEU B 398 17.79 4.73 3.45
C LEU B 398 16.53 5.03 4.27
N ARG B 399 15.89 6.16 3.97
CA ARG B 399 14.90 6.76 4.86
C ARG B 399 13.69 7.36 4.14
N ASP B 400 12.67 7.68 4.93
CA ASP B 400 11.48 8.40 4.52
C ASP B 400 11.86 9.75 3.87
N LYS B 401 12.45 10.63 4.68
CA LYS B 401 12.86 11.97 4.23
C LYS B 401 13.96 12.49 5.17
N PRO B 402 14.64 13.59 4.80
CA PRO B 402 15.59 14.19 5.74
C PRO B 402 14.95 14.44 7.10
N GLY B 403 15.68 14.15 8.17
CA GLY B 403 15.16 14.29 9.53
C GLY B 403 14.58 13.00 10.08
N LYS B 404 14.44 11.98 9.23
CA LYS B 404 13.92 10.69 9.65
C LYS B 404 15.01 9.64 9.70
N ARG B 405 14.97 8.81 10.75
CA ARG B 405 15.92 7.70 10.91
C ARG B 405 15.72 6.65 9.82
N PRO B 406 16.84 6.15 9.25
CA PRO B 406 16.74 5.05 8.29
C PRO B 406 16.27 3.78 8.97
N ASP B 407 15.54 2.95 8.23
CA ASP B 407 15.15 1.63 8.71
C ASP B 407 15.15 0.63 7.56
N GLN B 408 15.00 -0.64 7.89
CA GLN B 408 15.00 -1.72 6.88
C GLN B 408 13.90 -1.56 5.85
N TYR B 409 12.71 -1.22 6.32
CA TYR B 409 11.55 -1.00 5.46
C TYR B 409 11.82 0.06 4.37
N HIS B 410 12.34 1.22 4.79
CA HIS B 410 12.63 2.30 3.86
C HIS B 410 13.85 2.01 2.99
N THR B 411 14.79 1.22 3.53
CA THR B 411 15.95 0.79 2.75
C THR B 411 15.48 -0.06 1.56
N CYS B 412 14.65 -1.06 1.85
CA CYS B 412 14.13 -1.96 0.83
C CYS B 412 13.27 -1.25 -0.23
N ASN B 413 12.33 -0.42 0.23
CA ASN B 413 11.39 0.24 -0.67
C ASN B 413 11.97 1.41 -1.48
N ASN B 414 12.89 2.17 -0.89
CA ASN B 414 13.69 3.14 -1.65
C ASN B 414 14.43 2.47 -2.80
N LEU B 415 15.13 1.37 -2.49
CA LEU B 415 15.91 0.63 -3.49
C LEU B 415 15.05 -0.07 -4.53
N SER B 416 13.92 -0.64 -4.10
CA SER B 416 12.98 -1.27 -5.05
C SER B 416 12.43 -0.25 -6.03
N GLY B 417 12.13 0.95 -5.54
CA GLY B 417 11.68 2.07 -6.36
C GLY B 417 12.76 2.60 -7.28
N LEU B 418 13.99 2.70 -6.75
CA LEU B 418 15.15 3.14 -7.54
C LEU B 418 15.36 2.23 -8.75
N SER B 419 15.21 0.93 -8.51
CA SER B 419 15.33 -0.10 -9.56
C SER B 419 14.32 0.14 -10.69
N ILE B 420 13.04 0.33 -10.33
CA ILE B 420 11.99 0.65 -11.30
C ILE B 420 12.31 1.91 -12.12
N ALA B 421 12.91 2.91 -11.48
CA ALA B 421 13.29 4.15 -12.17
C ALA B 421 14.49 3.95 -13.11
N GLN B 422 15.46 3.15 -12.66
CA GLN B 422 16.67 2.86 -13.45
C GLN B 422 16.39 1.98 -14.66
N HIS B 423 15.48 1.02 -14.50
CA HIS B 423 15.25 -0.02 -15.51
C HIS B 423 13.84 0.04 -16.06
N LYS B 424 13.73 0.27 -17.37
CA LYS B 424 12.44 0.35 -18.05
C LYS B 424 11.79 -1.04 -18.12
N MET B 425 10.76 -1.24 -17.30
CA MET B 425 10.06 -2.53 -17.24
C MET B 425 8.78 -2.54 -18.06
N SER B 426 8.63 -3.58 -18.88
CA SER B 426 7.43 -3.80 -19.68
C SER B 426 6.95 -5.24 -19.53
N HIS B 427 5.64 -5.43 -19.67
CA HIS B 427 5.08 -6.78 -19.78
C HIS B 427 4.94 -7.10 -21.25
N SER B 428 5.71 -8.08 -21.71
CA SER B 428 5.89 -8.35 -23.14
C SER B 428 5.02 -9.51 -23.65
N PRO B 429 4.04 -9.19 -24.52
CA PRO B 429 3.17 -10.22 -25.13
C PRO B 429 3.93 -11.31 -25.88
N SER B 430 5.03 -10.95 -26.55
CA SER B 430 5.85 -11.93 -27.27
C SER B 430 6.64 -12.84 -26.31
N THR B 431 7.03 -12.30 -25.16
CA THR B 431 7.66 -13.10 -24.11
C THR B 431 6.65 -14.08 -23.49
N VAL B 432 5.43 -13.60 -23.24
CA VAL B 432 4.34 -14.44 -22.77
C VAL B 432 4.05 -15.56 -23.79
N SER B 433 3.99 -15.21 -25.07
CA SER B 433 3.77 -16.18 -26.16
C SER B 433 4.87 -17.23 -26.21
N SER B 434 6.12 -16.76 -26.10
CA SER B 434 7.29 -17.62 -26.01
C SER B 434 7.20 -18.58 -24.80
N ASN B 435 6.76 -18.05 -23.67
CA ASN B 435 6.54 -18.85 -22.46
C ASN B 435 5.49 -19.94 -22.67
N ARG B 436 4.39 -19.59 -23.32
CA ARG B 436 3.33 -20.56 -23.66
C ARG B 436 3.87 -21.71 -24.49
N LEU B 437 4.74 -21.40 -25.45
CA LEU B 437 5.30 -22.39 -26.38
C LEU B 437 6.20 -23.42 -25.69
N LYS B 438 6.85 -23.01 -24.59
CA LYS B 438 7.78 -23.90 -23.89
C LYS B 438 7.17 -24.64 -22.69
N PHE B 439 5.98 -24.23 -22.28
CA PHE B 439 5.31 -24.81 -21.10
C PHE B 439 5.02 -26.31 -21.26
N ASP B 440 5.36 -27.08 -20.22
CA ASP B 440 5.12 -28.52 -20.21
C ASP B 440 4.03 -28.85 -19.20
N ALA B 441 2.81 -29.06 -19.70
CA ALA B 441 1.64 -29.30 -18.86
C ALA B 441 1.61 -30.69 -18.24
N SER B 442 2.45 -31.59 -18.74
CA SER B 442 2.55 -32.94 -18.18
C SER B 442 3.39 -32.97 -16.91
N LYS B 443 4.05 -31.85 -16.62
CA LYS B 443 4.88 -31.73 -15.41
C LYS B 443 4.22 -30.78 -14.42
N GLY B 444 4.17 -31.19 -13.16
CA GLY B 444 3.59 -30.37 -12.10
C GLY B 444 3.44 -31.09 -10.78
N LEU B 445 3.19 -30.33 -9.73
CA LEU B 445 2.91 -30.89 -8.41
C LEU B 445 1.43 -31.28 -8.34
N PRO B 446 1.04 -32.13 -7.37
CA PRO B 446 -0.35 -32.56 -7.28
C PRO B 446 -1.34 -31.39 -7.17
N ALA B 447 -2.48 -31.53 -7.85
CA ALA B 447 -3.55 -30.53 -7.78
C ALA B 447 -4.01 -30.33 -6.34
N VAL B 448 -4.39 -29.10 -5.99
CA VAL B 448 -4.98 -28.84 -4.68
C VAL B 448 -6.38 -29.43 -4.59
N LYS B 449 -6.71 -29.93 -3.41
CA LYS B 449 -8.05 -30.47 -3.15
C LYS B 449 -8.93 -29.33 -2.63
N PRO B 450 -9.96 -28.94 -3.42
CA PRO B 450 -10.83 -27.83 -3.05
C PRO B 450 -11.67 -28.11 -1.81
N VAL B 451 -12.07 -27.04 -1.11
CA VAL B 451 -12.93 -27.13 0.07
C VAL B 451 -14.33 -27.62 -0.34
N ALA B 452 -14.93 -26.94 -1.32
CA ALA B 452 -16.22 -27.35 -1.88
C ALA B 452 -15.98 -28.34 -3.02
N PRO B 453 -16.78 -29.42 -3.10
CA PRO B 453 -16.62 -30.46 -4.11
C PRO B 453 -16.42 -29.93 -5.53
N GLY B 454 -17.16 -28.89 -5.92
CA GLY B 454 -17.05 -28.30 -7.25
C GLY B 454 -16.27 -26.99 -7.30
N GLY B 455 -15.37 -26.80 -6.34
CA GLY B 455 -14.58 -25.56 -6.24
C GLY B 455 -13.34 -25.50 -7.11
N GLY B 456 -12.94 -26.65 -7.66
CA GLY B 456 -11.79 -26.71 -8.55
C GLY B 456 -12.14 -26.36 -9.99
N TRP B 457 -11.15 -26.45 -10.87
CA TRP B 457 -11.38 -26.27 -12.30
C TRP B 457 -12.21 -27.42 -12.86
N LYS B 458 -13.02 -27.13 -13.87
CA LYS B 458 -13.97 -28.08 -14.46
C LYS B 458 -13.33 -29.43 -14.81
N ASN B 459 -12.18 -29.37 -15.48
CA ASN B 459 -11.45 -30.57 -15.88
C ASN B 459 -9.96 -30.30 -16.03
N GLU B 460 -9.22 -31.30 -16.51
CA GLU B 460 -7.77 -31.19 -16.62
C GLU B 460 -7.32 -30.22 -17.73
N ASP B 461 -8.10 -30.14 -18.81
CA ASP B 461 -7.81 -29.18 -19.89
C ASP B 461 -7.91 -27.73 -19.38
N GLU B 462 -8.97 -27.43 -18.65
CA GLU B 462 -9.17 -26.10 -18.06
C GLU B 462 -8.07 -25.78 -17.05
N ARG B 463 -7.76 -26.75 -16.19
CA ARG B 463 -6.77 -26.61 -15.14
C ARG B 463 -5.37 -26.38 -15.72
N GLN B 464 -5.00 -27.17 -16.73
CA GLN B 464 -3.69 -27.04 -17.38
C GLN B 464 -3.57 -25.74 -18.17
N ASN B 465 -4.65 -25.33 -18.83
CA ASN B 465 -4.68 -24.03 -19.52
C ASN B 465 -4.50 -22.89 -18.51
N ALA B 466 -5.12 -23.03 -17.35
CA ALA B 466 -4.99 -22.05 -16.27
C ALA B 466 -3.55 -21.97 -15.77
N ARG B 467 -2.95 -23.13 -15.51
CA ARG B 467 -1.55 -23.21 -15.07
C ARG B 467 -0.62 -22.55 -16.08
N ARG B 468 -0.84 -22.82 -17.37
CA ARG B 468 -0.03 -22.25 -18.44
C ARG B 468 -0.12 -20.72 -18.48
N GLU B 469 -1.34 -20.19 -18.45
CA GLU B 469 -1.57 -18.74 -18.51
C GLU B 469 -0.95 -18.02 -17.32
N ILE B 470 -1.15 -18.58 -16.14
CA ILE B 470 -0.69 -17.97 -14.89
C ILE B 470 0.85 -17.95 -14.83
N TRP B 471 1.47 -19.09 -15.11
CA TRP B 471 2.93 -19.22 -15.18
C TRP B 471 3.52 -18.34 -16.29
N ALA B 472 2.94 -18.43 -17.50
CA ALA B 472 3.46 -17.70 -18.66
C ALA B 472 3.47 -16.19 -18.47
N ASN B 473 2.40 -15.67 -17.87
CA ASN B 473 2.27 -14.23 -17.63
C ASN B 473 3.10 -13.76 -16.45
N ALA B 474 3.22 -14.60 -15.43
CA ALA B 474 4.09 -14.31 -14.28
C ALA B 474 5.52 -14.05 -14.71
N LEU B 475 5.95 -14.74 -15.77
CA LEU B 475 7.30 -14.58 -16.31
C LEU B 475 7.32 -13.68 -17.55
N GLY B 476 6.33 -12.79 -17.65
CA GLY B 476 6.19 -11.91 -18.81
C GLY B 476 6.89 -10.56 -18.72
N TRP B 477 7.38 -10.20 -17.52
CA TRP B 477 8.05 -8.91 -17.33
C TRP B 477 9.49 -8.94 -17.83
N ILE B 478 9.83 -7.93 -18.63
CA ILE B 478 11.18 -7.79 -19.18
C ILE B 478 11.75 -6.39 -18.96
N GLU B 479 13.08 -6.30 -18.92
CA GLU B 479 13.74 -5.02 -18.98
C GLU B 479 14.00 -4.71 -20.44
N GLU B 480 13.55 -3.54 -20.89
CA GLU B 480 13.75 -3.14 -22.29
C GLU B 480 15.19 -2.67 -22.52
N GLU B 481 15.89 -3.37 -23.41
CA GLU B 481 17.27 -3.03 -23.76
C GLU B 481 17.30 -1.63 -24.37
N GLY B 482 18.24 -0.82 -23.91
CA GLY B 482 18.34 0.58 -24.32
C GLY B 482 17.41 1.51 -23.55
N GLY B 483 16.67 0.95 -22.59
CA GLY B 483 15.75 1.74 -21.78
C GLY B 483 16.34 2.20 -20.46
N GLU B 484 17.55 1.75 -20.17
CA GLU B 484 18.21 1.99 -18.89
C GLU B 484 18.59 3.46 -18.70
N ILE B 485 18.26 4.00 -17.54
CA ILE B 485 18.72 5.34 -17.14
C ILE B 485 19.35 5.26 -15.76
N ILE B 486 20.68 5.40 -15.71
CA ILE B 486 21.40 5.38 -14.44
C ILE B 486 21.95 6.76 -14.11
N VAL B 487 21.18 7.51 -13.34
CA VAL B 487 21.57 8.84 -12.89
C VAL B 487 22.82 8.77 -12.03
N GLY B 488 23.80 9.60 -12.38
CA GLY B 488 25.04 9.72 -11.61
C GLY B 488 26.17 8.81 -12.05
N GLY B 489 25.91 7.96 -13.04
CA GLY B 489 26.93 7.06 -13.55
C GLY B 489 26.70 5.62 -13.14
N LYS B 490 27.34 4.69 -13.85
CA LYS B 490 27.03 3.26 -13.75
C LYS B 490 27.30 2.62 -12.40
N ASP B 491 28.11 3.28 -11.56
CA ASP B 491 28.36 2.80 -10.19
C ASP B 491 27.12 2.92 -9.29
N ASN B 492 26.15 3.74 -9.71
CA ASN B 492 24.86 3.85 -9.00
C ASN B 492 23.86 2.74 -9.37
N ARG B 493 24.15 2.02 -10.44
CA ARG B 493 23.27 0.95 -10.93
C ARG B 493 23.03 -0.12 -9.88
N ILE B 494 21.76 -0.43 -9.66
CA ILE B 494 21.39 -1.62 -8.89
C ILE B 494 20.70 -2.62 -9.79
N ASN B 495 20.43 -3.81 -9.26
CA ASN B 495 19.78 -4.86 -10.04
C ASN B 495 18.32 -4.57 -10.33
N THR B 496 17.74 -5.40 -11.19
CA THR B 496 16.41 -5.17 -11.73
C THR B 496 15.36 -5.98 -10.96
N THR B 497 14.47 -5.27 -10.26
CA THR B 497 13.36 -5.92 -9.59
C THR B 497 12.21 -6.15 -10.57
N THR B 498 11.36 -7.12 -10.28
CA THR B 498 10.22 -7.43 -11.12
C THR B 498 8.99 -6.69 -10.61
N PRO B 499 8.26 -5.97 -11.49
CA PRO B 499 6.99 -5.39 -11.05
C PRO B 499 6.04 -6.48 -10.54
N VAL B 500 5.08 -6.08 -9.71
CA VAL B 500 4.07 -6.98 -9.12
C VAL B 500 4.61 -7.84 -7.97
N PHE B 501 5.67 -8.62 -8.23
CA PHE B 501 6.25 -9.50 -7.22
C PHE B 501 7.25 -8.83 -6.27
N ASN B 502 8.02 -7.88 -6.81
CA ASN B 502 9.15 -7.24 -6.12
C ASN B 502 10.26 -8.18 -5.63
N ILE B 503 10.62 -9.15 -6.46
CA ILE B 503 11.90 -9.87 -6.31
C ILE B 503 12.62 -9.82 -7.66
N LEU B 504 13.93 -10.05 -7.65
CA LEU B 504 14.70 -10.09 -8.89
C LEU B 504 14.18 -11.20 -9.81
N GLY B 505 14.23 -10.95 -11.11
CA GLY B 505 13.83 -11.94 -12.10
C GLY B 505 14.63 -13.22 -11.98
N LEU B 506 15.91 -13.09 -11.61
CA LEU B 506 16.81 -14.23 -11.45
C LEU B 506 16.46 -15.08 -10.23
N ARG B 507 15.66 -14.52 -9.32
CA ARG B 507 15.08 -15.28 -8.22
C ARG B 507 13.72 -15.86 -8.61
N LEU B 508 12.87 -15.02 -9.22
CA LEU B 508 11.51 -15.39 -9.61
C LEU B 508 11.45 -16.62 -10.53
N LYS B 509 12.26 -16.60 -11.58
CA LYS B 509 12.25 -17.66 -12.60
C LYS B 509 12.50 -19.07 -12.03
N PRO B 510 13.64 -19.27 -11.32
CA PRO B 510 13.90 -20.61 -10.76
C PRO B 510 12.89 -21.03 -9.69
N PHE B 511 12.35 -20.05 -8.96
CA PHE B 511 11.40 -20.32 -7.89
C PHE B 511 10.05 -20.81 -8.45
N ILE B 512 9.46 -20.04 -9.37
CA ILE B 512 8.18 -20.43 -9.97
C ILE B 512 8.33 -21.66 -10.89
N ASN B 513 9.50 -21.81 -11.50
CA ASN B 513 9.79 -23.01 -12.29
C ASN B 513 9.85 -24.27 -11.43
N TYR B 514 10.32 -24.13 -10.19
CA TYR B 514 10.37 -25.25 -9.26
C TYR B 514 8.96 -25.75 -8.93
N PHE B 515 8.06 -24.85 -8.56
CA PHE B 515 6.72 -25.23 -8.12
C PHE B 515 5.79 -25.67 -9.26
N TYR B 516 6.11 -25.23 -10.48
CA TYR B 516 5.36 -25.66 -11.65
C TYR B 516 6.09 -26.81 -12.38
N CYS B 517 7.24 -27.21 -11.84
CA CYS B 517 8.08 -28.28 -12.40
C CYS B 517 8.51 -28.02 -13.85
N GLN B 518 8.89 -26.77 -14.12
CA GLN B 518 9.30 -26.35 -15.47
C GLN B 518 10.81 -26.18 -15.59
N GLU B 519 11.52 -26.35 -14.47
CA GLU B 519 12.98 -26.22 -14.41
C GLU B 519 13.72 -26.68 -15.68
N THR C 1 5.96 8.85 14.24
CA THR C 1 5.31 9.02 12.91
C THR C 1 5.92 8.05 11.88
N LYS C 2 6.37 6.89 12.35
CA LYS C 2 6.96 5.86 11.49
C LYS C 2 5.97 5.39 10.43
N CYS C 3 6.44 4.61 9.46
CA CYS C 3 5.55 3.94 8.52
C CYS C 3 5.15 2.55 9.04
N VAL C 4 3.87 2.22 8.89
CA VAL C 4 3.31 0.96 9.35
C VAL C 4 2.57 0.28 8.20
N VAL C 5 2.92 -0.97 7.92
CA VAL C 5 2.33 -1.72 6.82
C VAL C 5 1.58 -2.95 7.33
N MET C 6 1.78 -3.26 8.61
CA MET C 6 1.22 -4.46 9.21
C MET C 6 0.83 -4.27 10.67
ZN ZN D . 7.60 5.67 4.34
C1 FII E . 1.89 -5.17 3.42
C2 FII E . 1.71 -4.22 2.24
C6 FII E . 1.99 -4.74 0.84
C10 FII E . 1.27 -2.93 2.54
C11 FII E . 1.02 -1.82 1.75
C12 FII E . 2.11 -0.77 2.06
C15 FII E . 1.64 0.57 2.64
C18 FII E . 2.59 1.76 2.46
C22 FII E . 0.42 0.74 3.31
C23 FII E . -0.05 1.95 3.84
C24 FII E . -0.89 1.76 5.11
C27 FII E . -1.44 3.09 5.68
C30 FII E . -2.38 3.96 4.84
C34 FII E . -1.10 3.47 6.99
C35 FII E . -1.51 4.61 7.66
O36 FII E . -0.41 5.30 8.27
N42 FII E . 0.49 5.79 7.37
C43 FII E . 0.56 7.08 7.04
O44 FII E . -0.19 7.95 7.48
C45 FII E . 1.67 7.45 6.06
P46 FII E . 1.22 8.83 4.96
O49 FII E . 2.31 8.75 3.77
O50 FII E . -0.18 8.42 4.32
O51 FII E . 1.18 10.16 5.62
OAA 3CX F . 30.92 6.02 -17.32
OAB 3CX F . 30.71 4.04 -15.90
OAC 3CX F . 30.45 4.87 -13.06
OAD 3CX F . 29.13 5.83 -15.76
CAE 3CX F . 34.32 7.20 -7.66
CAF 3CX F . 34.88 7.38 -9.07
CAG 3CX F . 32.87 7.71 -7.59
CAH 3CX F . 33.99 6.69 -10.13
CAI 3CX F . 31.98 6.99 -8.61
CAJ 3CX F . 31.67 6.84 -12.27
CAK 3CX F . 31.49 6.39 -14.70
NAL 3CX F . 31.69 6.29 -10.92
CAM 3CX F . 31.57 5.73 -13.32
CAN 3CX F . 32.51 7.13 -10.04
SAO 3CX F . 30.50 5.52 -15.97
OAA 3CX G . 31.22 3.24 -0.71
OAB 3CX G . 29.28 2.98 0.76
OAC 3CX G . 33.37 2.68 2.94
OAD 3CX G . 30.07 5.14 0.15
CAE 3CX G . 39.34 4.42 2.40
CAF 3CX G . 38.57 3.68 1.29
CAG 3CX G . 38.42 5.03 3.46
CAH 3CX G . 37.09 3.47 1.65
CAI 3CX G . 37.19 5.73 2.81
CAJ 3CX G . 33.92 4.64 1.65
CAK 3CX G . 31.55 3.91 1.96
NAL 3CX G . 35.06 4.52 2.58
CAM 3CX G . 33.00 3.43 1.79
CAN 3CX G . 36.35 4.79 1.92
SAO 3CX G . 30.49 3.81 0.46
#